data_2MLD
#
_entry.id   2MLD
#
_entity_poly.entity_id   1
_entity_poly.type   'polypeptide(L)'
_entity_poly.pdbx_seq_one_letter_code
;VGINVDCKHSGQCLKPCKKAGMRFGKCINGKCDCTPK
;
_entity_poly.pdbx_strand_id   A
#
# COMPACT_ATOMS: atom_id res chain seq x y z
N VAL A 1 4.58 1.29 9.00
CA VAL A 1 3.74 1.75 7.87
C VAL A 1 2.84 0.63 7.38
N GLY A 2 2.02 0.93 6.38
CA GLY A 2 1.05 -0.03 5.90
C GLY A 2 -0.36 0.46 6.17
N ILE A 3 -1.19 0.39 5.16
CA ILE A 3 -2.50 1.01 5.24
C ILE A 3 -3.60 -0.01 5.47
N ASN A 4 -4.81 0.47 5.61
CA ASN A 4 -5.96 -0.37 5.92
C ASN A 4 -6.75 -0.62 4.65
N VAL A 5 -6.16 -1.40 3.77
CA VAL A 5 -6.76 -1.67 2.48
C VAL A 5 -6.74 -3.18 2.23
N ASP A 6 -7.26 -3.60 1.09
CA ASP A 6 -7.27 -5.00 0.72
C ASP A 6 -6.69 -5.18 -0.67
N CYS A 7 -5.52 -5.78 -0.73
CA CYS A 7 -4.83 -5.99 -1.98
C CYS A 7 -5.15 -7.33 -2.60
N LYS A 8 -5.48 -7.31 -3.87
CA LYS A 8 -5.47 -8.52 -4.67
C LYS A 8 -4.07 -8.69 -5.23
N HIS A 9 -3.33 -7.58 -5.21
CA HIS A 9 -1.96 -7.54 -5.72
C HIS A 9 -1.27 -6.25 -5.29
N SER A 10 0.04 -6.19 -5.46
CA SER A 10 0.84 -5.05 -5.01
C SER A 10 0.62 -3.81 -5.88
N GLY A 11 0.33 -4.03 -7.16
CA GLY A 11 0.16 -2.91 -8.07
C GLY A 11 -0.97 -1.96 -7.69
N GLN A 12 -1.97 -2.49 -6.99
CA GLN A 12 -3.11 -1.67 -6.60
C GLN A 12 -2.85 -1.00 -5.25
N CYS A 13 -1.66 -1.20 -4.71
CA CYS A 13 -1.31 -0.60 -3.42
C CYS A 13 -0.76 0.80 -3.63
N LEU A 14 -0.39 1.11 -4.87
CA LEU A 14 0.27 2.37 -5.19
C LEU A 14 -0.64 3.54 -4.88
N LYS A 15 -1.77 3.60 -5.58
CA LYS A 15 -2.70 4.70 -5.45
C LYS A 15 -3.17 4.94 -4.01
N PRO A 16 -3.78 3.95 -3.33
CA PRO A 16 -4.36 4.17 -2.00
C PRO A 16 -3.31 4.48 -0.94
N CYS A 17 -2.10 3.96 -1.13
CA CYS A 17 -1.04 4.20 -0.18
C CYS A 17 -0.39 5.54 -0.47
N LYS A 18 -0.46 5.97 -1.71
CA LYS A 18 0.04 7.27 -2.12
C LYS A 18 -0.88 8.35 -1.59
N LYS A 19 -2.17 8.06 -1.57
CA LYS A 19 -3.16 8.93 -0.97
C LYS A 19 -3.04 8.89 0.54
N ALA A 20 -2.66 7.73 1.07
CA ALA A 20 -2.47 7.54 2.49
C ALA A 20 -1.34 8.44 2.99
N GLY A 21 -0.22 8.43 2.29
CA GLY A 21 0.90 9.27 2.67
C GLY A 21 2.24 8.63 2.41
N MET A 22 2.24 7.49 1.73
CA MET A 22 3.47 6.79 1.41
C MET A 22 3.78 6.92 -0.08
N ARG A 23 4.90 6.35 -0.51
CA ARG A 23 5.35 6.53 -1.88
C ARG A 23 4.93 5.36 -2.76
N PHE A 24 5.28 4.16 -2.34
CA PHE A 24 5.00 2.96 -3.12
C PHE A 24 3.98 2.09 -2.40
N GLY A 25 4.01 0.79 -2.64
CA GLY A 25 3.09 -0.10 -1.96
C GLY A 25 3.24 -1.54 -2.41
N LYS A 26 3.17 -2.47 -1.46
CA LYS A 26 3.25 -3.89 -1.77
C LYS A 26 2.15 -4.63 -1.04
N CYS A 27 1.72 -5.74 -1.61
CA CYS A 27 0.71 -6.56 -0.99
C CYS A 27 1.39 -7.57 -0.07
N ILE A 28 0.88 -7.68 1.14
CA ILE A 28 1.47 -8.57 2.13
C ILE A 28 0.42 -9.58 2.63
N ASN A 29 0.03 -9.48 3.89
CA ASN A 29 -0.95 -10.39 4.46
C ASN A 29 -2.36 -9.81 4.32
N GLY A 30 -2.65 -9.33 3.14
CA GLY A 30 -3.94 -8.69 2.88
C GLY A 30 -3.85 -7.19 3.01
N LYS A 31 -2.68 -6.71 3.44
CA LYS A 31 -2.48 -5.29 3.64
C LYS A 31 -1.55 -4.73 2.58
N CYS A 32 -1.66 -3.45 2.32
CA CYS A 32 -0.74 -2.75 1.45
C CYS A 32 0.34 -2.06 2.28
N ASP A 33 1.43 -2.77 2.53
CA ASP A 33 2.57 -2.20 3.22
C ASP A 33 3.48 -1.50 2.23
N CYS A 34 3.93 -0.30 2.56
CA CYS A 34 4.63 0.54 1.62
C CYS A 34 5.87 1.17 2.25
N THR A 35 6.59 1.94 1.46
CA THR A 35 7.68 2.73 1.97
C THR A 35 7.34 4.20 1.83
N PRO A 36 7.44 4.96 2.93
CA PRO A 36 7.08 6.37 2.96
C PRO A 36 8.23 7.26 2.48
N LYS A 37 8.14 8.53 2.83
CA LYS A 37 9.18 9.49 2.46
C LYS A 37 10.23 9.55 3.57
N VAL A 1 4.87 1.80 8.81
CA VAL A 1 3.88 2.06 7.75
C VAL A 1 2.95 0.87 7.57
N GLY A 2 2.09 0.94 6.57
CA GLY A 2 1.19 -0.14 6.28
C GLY A 2 -0.25 0.19 6.61
N ILE A 3 -1.06 0.36 5.57
CA ILE A 3 -2.46 0.76 5.76
C ILE A 3 -3.37 -0.47 5.70
N ASN A 4 -4.65 -0.26 5.95
CA ASN A 4 -5.64 -1.33 5.89
C ASN A 4 -6.43 -1.21 4.61
N VAL A 5 -6.21 -2.13 3.70
CA VAL A 5 -6.79 -2.05 2.37
C VAL A 5 -6.87 -3.44 1.76
N ASP A 6 -7.30 -3.53 0.51
CA ASP A 6 -7.49 -4.82 -0.15
C ASP A 6 -6.77 -4.86 -1.47
N CYS A 7 -5.59 -5.43 -1.46
CA CYS A 7 -4.79 -5.58 -2.66
C CYS A 7 -5.01 -6.94 -3.30
N LYS A 8 -5.20 -6.94 -4.60
CA LYS A 8 -5.12 -8.17 -5.36
C LYS A 8 -3.68 -8.38 -5.79
N HIS A 9 -2.91 -7.29 -5.67
CA HIS A 9 -1.47 -7.32 -5.93
C HIS A 9 -0.84 -6.00 -5.50
N SER A 10 0.48 -5.99 -5.33
CA SER A 10 1.19 -4.81 -4.84
C SER A 10 0.99 -3.59 -5.76
N GLY A 11 1.00 -3.84 -7.06
CA GLY A 11 0.92 -2.77 -8.04
C GLY A 11 -0.25 -1.81 -7.81
N GLN A 12 -1.41 -2.35 -7.47
CA GLN A 12 -2.60 -1.53 -7.29
C GLN A 12 -2.65 -0.92 -5.89
N CYS A 13 -1.68 -1.26 -5.07
CA CYS A 13 -1.65 -0.76 -3.71
C CYS A 13 -1.01 0.63 -3.66
N LEU A 14 -0.42 1.01 -4.78
CA LEU A 14 0.26 2.30 -4.89
C LEU A 14 -0.73 3.46 -4.75
N LYS A 15 -1.88 3.33 -5.37
CA LYS A 15 -2.90 4.37 -5.36
C LYS A 15 -3.33 4.75 -3.93
N PRO A 16 -3.83 3.80 -3.11
CA PRO A 16 -4.28 4.12 -1.75
C PRO A 16 -3.12 4.42 -0.83
N CYS A 17 -1.96 3.89 -1.16
CA CYS A 17 -0.76 4.12 -0.39
C CYS A 17 -0.32 5.57 -0.54
N LYS A 18 -0.46 6.09 -1.75
CA LYS A 18 -0.12 7.46 -2.04
C LYS A 18 -1.14 8.38 -1.39
N LYS A 19 -2.38 7.93 -1.36
CA LYS A 19 -3.46 8.64 -0.69
C LYS A 19 -3.14 8.75 0.80
N ALA A 20 -2.56 7.69 1.34
CA ALA A 20 -2.17 7.66 2.75
C ALA A 20 -1.02 8.63 3.00
N GLY A 21 -0.04 8.62 2.12
CA GLY A 21 1.05 9.58 2.22
C GLY A 21 2.41 9.01 1.88
N MET A 22 2.45 7.78 1.38
CA MET A 22 3.72 7.16 1.04
C MET A 22 3.91 7.08 -0.46
N ARG A 23 4.98 6.41 -0.90
CA ARG A 23 5.30 6.38 -2.33
C ARG A 23 4.70 5.15 -3.00
N PHE A 24 5.10 3.98 -2.55
CA PHE A 24 4.65 2.73 -3.17
C PHE A 24 4.15 1.76 -2.12
N GLY A 25 3.38 0.78 -2.56
CA GLY A 25 2.76 -0.15 -1.65
C GLY A 25 2.96 -1.60 -2.06
N LYS A 26 3.22 -2.45 -1.07
CA LYS A 26 3.29 -3.88 -1.27
C LYS A 26 1.99 -4.52 -0.81
N CYS A 27 1.81 -5.79 -1.11
CA CYS A 27 0.57 -6.47 -0.78
C CYS A 27 0.78 -7.45 0.37
N ILE A 28 0.24 -7.09 1.53
CA ILE A 28 0.26 -7.94 2.68
C ILE A 28 -1.14 -8.52 2.87
N ASN A 29 -1.26 -9.60 3.65
CA ASN A 29 -2.52 -10.33 3.82
C ASN A 29 -3.73 -9.40 3.94
N GLY A 30 -3.56 -8.28 4.62
CA GLY A 30 -4.60 -7.29 4.70
C GLY A 30 -4.06 -5.89 4.79
N LYS A 31 -2.77 -5.73 4.52
CA LYS A 31 -2.12 -4.45 4.72
C LYS A 31 -1.50 -3.97 3.43
N CYS A 32 -1.46 -2.67 3.26
CA CYS A 32 -0.65 -2.09 2.23
C CYS A 32 0.68 -1.71 2.84
N ASP A 33 1.61 -2.66 2.84
CA ASP A 33 2.92 -2.42 3.41
C ASP A 33 3.72 -1.54 2.47
N CYS A 34 3.69 -0.25 2.78
CA CYS A 34 4.23 0.77 1.90
C CYS A 34 5.71 1.02 2.13
N THR A 35 6.30 1.76 1.20
CA THR A 35 7.63 2.27 1.37
C THR A 35 7.58 3.76 1.07
N PRO A 36 7.94 4.59 2.05
CA PRO A 36 7.93 6.02 1.87
C PRO A 36 9.21 6.52 1.21
N LYS A 37 9.51 7.79 1.42
CA LYS A 37 10.70 8.40 0.83
C LYS A 37 11.94 8.04 1.66
N VAL A 1 4.63 2.05 9.10
CA VAL A 1 3.76 2.24 7.92
C VAL A 1 2.90 1.01 7.68
N GLY A 2 2.13 1.03 6.60
CA GLY A 2 1.26 -0.08 6.29
C GLY A 2 -0.19 0.22 6.62
N ILE A 3 -0.98 0.48 5.59
CA ILE A 3 -2.36 0.90 5.79
C ILE A 3 -3.29 -0.30 5.78
N ASN A 4 -4.57 -0.05 5.98
CA ASN A 4 -5.57 -1.10 5.95
C ASN A 4 -6.34 -1.01 4.63
N VAL A 5 -6.14 -1.98 3.77
CA VAL A 5 -6.70 -1.93 2.43
C VAL A 5 -6.72 -3.33 1.84
N ASP A 6 -7.18 -3.45 0.61
CA ASP A 6 -7.27 -4.74 -0.06
C ASP A 6 -6.60 -4.68 -1.41
N CYS A 7 -5.45 -5.31 -1.49
CA CYS A 7 -4.68 -5.34 -2.72
C CYS A 7 -5.04 -6.54 -3.57
N LYS A 8 -5.21 -6.31 -4.86
CA LYS A 8 -5.29 -7.39 -5.81
C LYS A 8 -3.88 -7.83 -6.17
N HIS A 9 -2.94 -6.93 -5.91
CA HIS A 9 -1.51 -7.18 -6.09
C HIS A 9 -0.72 -5.94 -5.66
N SER A 10 0.55 -6.12 -5.34
CA SER A 10 1.37 -5.02 -4.83
C SER A 10 1.33 -3.79 -5.74
N GLY A 11 1.45 -4.02 -7.03
CA GLY A 11 1.48 -2.95 -8.01
C GLY A 11 0.30 -2.00 -7.92
N GLN A 12 -0.88 -2.51 -7.58
CA GLN A 12 -2.07 -1.66 -7.53
C GLN A 12 -2.28 -1.06 -6.14
N CYS A 13 -1.36 -1.32 -5.22
CA CYS A 13 -1.51 -0.84 -3.84
C CYS A 13 -0.98 0.59 -3.76
N LEU A 14 -0.46 1.07 -4.89
CA LEU A 14 0.09 2.41 -4.99
C LEU A 14 -0.96 3.46 -4.69
N LYS A 15 -2.05 3.40 -5.44
CA LYS A 15 -3.09 4.40 -5.41
C LYS A 15 -3.61 4.71 -3.99
N PRO A 16 -4.07 3.71 -3.21
CA PRO A 16 -4.63 3.97 -1.88
C PRO A 16 -3.57 4.43 -0.88
N CYS A 17 -2.35 3.95 -1.05
CA CYS A 17 -1.28 4.30 -0.14
C CYS A 17 -0.68 5.66 -0.51
N LYS A 18 -0.89 6.05 -1.76
CA LYS A 18 -0.50 7.37 -2.22
C LYS A 18 -1.33 8.42 -1.50
N LYS A 19 -2.60 8.09 -1.30
CA LYS A 19 -3.49 8.90 -0.49
C LYS A 19 -3.00 8.96 0.94
N ALA A 20 -2.58 7.80 1.45
CA ALA A 20 -2.12 7.69 2.83
C ALA A 20 -0.91 8.58 3.07
N GLY A 21 -0.02 8.63 2.09
CA GLY A 21 1.13 9.51 2.17
C GLY A 21 2.43 8.80 1.91
N MET A 22 2.37 7.63 1.30
CA MET A 22 3.58 6.89 0.98
C MET A 22 3.82 6.87 -0.51
N ARG A 23 4.87 6.19 -0.93
CA ARG A 23 5.25 6.18 -2.35
C ARG A 23 4.85 4.86 -3.03
N PHE A 24 5.44 3.78 -2.58
CA PHE A 24 5.20 2.47 -3.17
C PHE A 24 4.55 1.55 -2.16
N GLY A 25 3.86 0.53 -2.63
CA GLY A 25 3.10 -0.33 -1.73
C GLY A 25 3.25 -1.80 -2.07
N LYS A 26 3.27 -2.63 -1.03
CA LYS A 26 3.29 -4.08 -1.20
C LYS A 26 1.96 -4.67 -0.78
N CYS A 27 1.76 -5.93 -1.12
CA CYS A 27 0.52 -6.61 -0.80
C CYS A 27 0.75 -7.64 0.30
N ILE A 28 0.22 -7.38 1.48
CA ILE A 28 0.36 -8.28 2.59
C ILE A 28 -1.04 -8.77 2.97
N ASN A 29 -1.16 -9.69 3.93
CA ASN A 29 -2.42 -10.40 4.23
C ASN A 29 -3.66 -9.51 4.12
N GLY A 30 -3.59 -8.31 4.65
CA GLY A 30 -4.67 -7.37 4.47
C GLY A 30 -4.21 -5.94 4.61
N LYS A 31 -2.91 -5.74 4.52
CA LYS A 31 -2.35 -4.42 4.73
C LYS A 31 -1.53 -3.97 3.55
N CYS A 32 -1.50 -2.68 3.30
CA CYS A 32 -0.63 -2.13 2.28
C CYS A 32 0.66 -1.72 2.93
N ASP A 33 1.62 -2.64 3.01
CA ASP A 33 2.92 -2.30 3.55
C ASP A 33 3.72 -1.53 2.53
N CYS A 34 3.87 -0.25 2.79
CA CYS A 34 4.45 0.66 1.83
C CYS A 34 5.82 1.15 2.28
N THR A 35 6.49 1.83 1.37
CA THR A 35 7.67 2.58 1.72
C THR A 35 7.44 4.03 1.34
N PRO A 36 7.56 4.93 2.31
CA PRO A 36 7.32 6.34 2.07
C PRO A 36 8.55 7.05 1.52
N LYS A 37 8.52 8.36 1.61
CA LYS A 37 9.61 9.20 1.14
C LYS A 37 10.60 9.46 2.29
N VAL A 1 4.79 1.47 9.36
CA VAL A 1 4.09 1.87 8.13
C VAL A 1 3.25 0.71 7.60
N GLY A 2 2.57 0.94 6.47
CA GLY A 2 1.66 -0.06 5.95
C GLY A 2 0.23 0.36 6.21
N ILE A 3 -0.58 0.37 5.16
CA ILE A 3 -1.89 0.96 5.25
C ILE A 3 -2.98 -0.08 5.42
N ASN A 4 -4.18 0.40 5.66
CA ASN A 4 -5.34 -0.45 5.89
C ASN A 4 -6.17 -0.48 4.62
N VAL A 5 -5.95 -1.50 3.80
CA VAL A 5 -6.57 -1.56 2.49
C VAL A 5 -6.64 -3.02 2.03
N ASP A 6 -7.14 -3.24 0.83
CA ASP A 6 -7.27 -4.59 0.28
C ASP A 6 -6.58 -4.68 -1.07
N CYS A 7 -5.50 -5.42 -1.12
CA CYS A 7 -4.78 -5.63 -2.36
C CYS A 7 -5.24 -6.90 -3.06
N LYS A 8 -5.58 -6.76 -4.33
CA LYS A 8 -5.78 -7.92 -5.18
C LYS A 8 -4.42 -8.41 -5.66
N HIS A 9 -3.44 -7.51 -5.58
CA HIS A 9 -2.08 -7.80 -6.05
C HIS A 9 -1.11 -6.75 -5.52
N SER A 10 0.14 -7.16 -5.36
CA SER A 10 1.22 -6.29 -4.92
C SER A 10 1.63 -5.36 -6.05
N GLY A 11 0.79 -4.40 -6.33
CA GLY A 11 1.02 -3.48 -7.42
C GLY A 11 -0.05 -2.40 -7.46
N GLN A 12 -1.24 -2.75 -6.97
CA GLN A 12 -2.35 -1.80 -6.95
C GLN A 12 -2.33 -0.97 -5.66
N CYS A 13 -1.32 -1.19 -4.82
CA CYS A 13 -1.28 -0.52 -3.53
C CYS A 13 -0.85 0.92 -3.69
N LEU A 14 -0.37 1.26 -4.88
CA LEU A 14 0.20 2.57 -5.17
C LEU A 14 -0.84 3.67 -4.99
N LYS A 15 -1.96 3.53 -5.69
CA LYS A 15 -3.03 4.51 -5.66
C LYS A 15 -3.49 4.84 -4.23
N PRO A 16 -3.89 3.85 -3.41
CA PRO A 16 -4.30 4.11 -2.03
C PRO A 16 -3.14 4.50 -1.12
N CYS A 17 -1.94 4.11 -1.51
CA CYS A 17 -0.75 4.43 -0.74
C CYS A 17 -0.47 5.92 -0.84
N LYS A 18 -0.74 6.48 -2.01
CA LYS A 18 -0.58 7.89 -2.25
C LYS A 18 -1.64 8.67 -1.48
N LYS A 19 -2.79 8.05 -1.29
CA LYS A 19 -3.85 8.60 -0.46
C LYS A 19 -3.41 8.59 1.00
N ALA A 20 -2.77 7.49 1.40
CA ALA A 20 -2.27 7.35 2.76
C ALA A 20 -1.15 8.36 3.04
N GLY A 21 -0.29 8.55 2.04
CA GLY A 21 0.77 9.53 2.17
C GLY A 21 2.14 8.90 2.04
N MET A 22 2.20 7.70 1.49
CA MET A 22 3.46 7.01 1.34
C MET A 22 3.78 6.80 -0.13
N ARG A 23 4.93 6.21 -0.44
CA ARG A 23 5.40 6.19 -1.81
C ARG A 23 4.95 4.93 -2.55
N PHE A 24 5.57 3.81 -2.22
CA PHE A 24 5.31 2.55 -2.92
C PHE A 24 4.57 1.60 -2.01
N GLY A 25 3.89 0.62 -2.60
CA GLY A 25 3.09 -0.29 -1.82
C GLY A 25 3.38 -1.73 -2.14
N LYS A 26 2.98 -2.62 -1.24
CA LYS A 26 3.23 -4.04 -1.37
C LYS A 26 2.05 -4.79 -0.78
N CYS A 27 1.70 -5.91 -1.35
CA CYS A 27 0.57 -6.67 -0.86
C CYS A 27 1.00 -7.64 0.21
N ILE A 28 0.42 -7.51 1.40
CA ILE A 28 0.66 -8.42 2.48
C ILE A 28 -0.66 -9.13 2.76
N ASN A 29 -0.64 -10.20 3.56
CA ASN A 29 -1.83 -11.02 3.80
C ASN A 29 -2.91 -10.27 4.61
N GLY A 30 -3.28 -9.11 4.12
CA GLY A 30 -4.28 -8.30 4.77
C GLY A 30 -4.14 -6.82 4.45
N LYS A 31 -2.91 -6.34 4.32
CA LYS A 31 -2.68 -4.91 4.18
C LYS A 31 -1.87 -4.61 2.93
N CYS A 32 -1.73 -3.32 2.65
CA CYS A 32 -0.77 -2.85 1.68
C CYS A 32 0.37 -2.16 2.42
N ASP A 33 1.46 -2.89 2.63
CA ASP A 33 2.61 -2.36 3.32
C ASP A 33 3.40 -1.44 2.41
N CYS A 34 3.48 -0.18 2.82
CA CYS A 34 4.10 0.84 2.02
C CYS A 34 5.46 1.25 2.59
N THR A 35 6.27 1.87 1.75
CA THR A 35 7.47 2.50 2.22
C THR A 35 7.31 4.00 2.05
N PRO A 36 7.51 4.76 3.13
CA PRO A 36 7.32 6.20 3.13
C PRO A 36 8.50 6.94 2.51
N LYS A 37 8.63 8.21 2.82
CA LYS A 37 9.74 9.00 2.31
C LYS A 37 10.92 8.91 3.26
N VAL A 1 4.79 2.46 8.79
CA VAL A 1 3.87 2.61 7.64
C VAL A 1 3.08 1.33 7.41
N GLY A 2 2.22 1.35 6.40
CA GLY A 2 1.41 0.20 6.08
C GLY A 2 -0.05 0.41 6.44
N ILE A 3 -0.92 0.45 5.44
CA ILE A 3 -2.32 0.80 5.67
C ILE A 3 -3.19 -0.45 5.70
N ASN A 4 -4.48 -0.24 5.91
CA ASN A 4 -5.45 -1.31 5.88
C ASN A 4 -6.28 -1.19 4.62
N VAL A 5 -6.22 -2.21 3.78
CA VAL A 5 -6.86 -2.15 2.47
C VAL A 5 -6.88 -3.56 1.88
N ASP A 6 -7.33 -3.67 0.64
CA ASP A 6 -7.37 -4.96 -0.03
C ASP A 6 -6.66 -4.88 -1.36
N CYS A 7 -5.53 -5.54 -1.43
CA CYS A 7 -4.75 -5.59 -2.65
C CYS A 7 -5.10 -6.79 -3.50
N LYS A 8 -5.41 -6.54 -4.74
CA LYS A 8 -5.47 -7.59 -5.74
C LYS A 8 -4.03 -7.99 -6.07
N HIS A 9 -3.13 -7.03 -5.87
CA HIS A 9 -1.71 -7.19 -6.14
C HIS A 9 -0.96 -5.95 -5.68
N SER A 10 0.35 -6.04 -5.55
CA SER A 10 1.15 -4.92 -5.05
C SER A 10 1.01 -3.68 -5.94
N GLY A 11 0.91 -3.90 -7.26
CA GLY A 11 0.84 -2.80 -8.20
C GLY A 11 -0.32 -1.85 -7.97
N GLN A 12 -1.45 -2.36 -7.49
CA GLN A 12 -2.62 -1.52 -7.27
C GLN A 12 -2.63 -0.95 -5.86
N CYS A 13 -1.55 -1.17 -5.13
CA CYS A 13 -1.43 -0.67 -3.76
C CYS A 13 -0.92 0.76 -3.78
N LEU A 14 -0.39 1.15 -4.93
CA LEU A 14 0.23 2.45 -5.12
C LEU A 14 -0.74 3.59 -4.81
N LYS A 15 -1.91 3.52 -5.41
CA LYS A 15 -2.91 4.55 -5.29
C LYS A 15 -3.36 4.80 -3.84
N PRO A 16 -3.86 3.78 -3.10
CA PRO A 16 -4.32 4.00 -1.72
C PRO A 16 -3.15 4.31 -0.79
N CYS A 17 -1.98 3.82 -1.16
CA CYS A 17 -0.75 4.12 -0.44
C CYS A 17 -0.41 5.59 -0.59
N LYS A 18 -0.65 6.11 -1.78
CA LYS A 18 -0.45 7.52 -2.07
C LYS A 18 -1.47 8.35 -1.31
N LYS A 19 -2.70 7.85 -1.25
CA LYS A 19 -3.76 8.48 -0.47
C LYS A 19 -3.35 8.57 1.00
N ALA A 20 -2.59 7.57 1.45
CA ALA A 20 -2.09 7.54 2.81
C ALA A 20 -0.91 8.48 2.97
N GLY A 21 -0.08 8.57 1.94
CA GLY A 21 0.98 9.57 1.94
C GLY A 21 2.35 9.01 1.61
N MET A 22 2.45 7.72 1.31
CA MET A 22 3.74 7.11 1.04
C MET A 22 4.01 7.05 -0.46
N ARG A 23 5.05 6.32 -0.84
CA ARG A 23 5.45 6.27 -2.24
C ARG A 23 4.94 5.01 -2.92
N PHE A 24 5.34 3.87 -2.41
CA PHE A 24 5.00 2.58 -3.02
C PHE A 24 4.41 1.66 -1.98
N GLY A 25 3.67 0.65 -2.46
CA GLY A 25 3.01 -0.26 -1.55
C GLY A 25 3.16 -1.71 -1.98
N LYS A 26 3.05 -2.61 -1.00
CA LYS A 26 3.12 -4.04 -1.25
C LYS A 26 1.82 -4.70 -0.86
N CYS A 27 1.65 -5.93 -1.27
CA CYS A 27 0.43 -6.66 -0.99
C CYS A 27 0.64 -7.67 0.13
N ILE A 28 0.11 -7.37 1.31
CA ILE A 28 0.21 -8.27 2.43
C ILE A 28 -1.21 -8.70 2.80
N ASN A 29 -1.36 -9.66 3.70
CA ASN A 29 -2.65 -10.28 4.06
C ASN A 29 -3.71 -9.28 4.57
N GLY A 30 -4.13 -8.39 3.70
CA GLY A 30 -5.09 -7.37 4.05
C GLY A 30 -4.41 -6.07 4.43
N LYS A 31 -3.09 -6.03 4.25
CA LYS A 31 -2.33 -4.88 4.63
C LYS A 31 -1.54 -4.34 3.44
N CYS A 32 -1.59 -3.05 3.23
CA CYS A 32 -0.75 -2.43 2.22
C CYS A 32 0.49 -1.88 2.88
N ASP A 33 1.51 -2.72 2.99
CA ASP A 33 2.76 -2.31 3.61
C ASP A 33 3.57 -1.49 2.61
N CYS A 34 3.72 -0.22 2.94
CA CYS A 34 4.33 0.73 2.02
C CYS A 34 5.77 1.02 2.38
N THR A 35 6.42 1.77 1.53
CA THR A 35 7.71 2.34 1.84
C THR A 35 7.64 3.84 1.60
N PRO A 36 7.97 4.63 2.62
CA PRO A 36 7.89 6.09 2.56
C PRO A 36 9.12 6.70 1.90
N LYS A 37 9.38 7.96 2.21
CA LYS A 37 10.54 8.66 1.69
C LYS A 37 11.82 8.02 2.20
N VAL A 1 3.64 2.68 8.65
CA VAL A 1 3.61 1.96 7.36
C VAL A 1 2.63 0.80 7.43
N GLY A 2 1.81 0.66 6.39
CA GLY A 2 0.84 -0.41 6.34
C GLY A 2 -0.55 0.05 6.68
N ILE A 3 -1.33 0.31 5.65
CA ILE A 3 -2.69 0.76 5.83
C ILE A 3 -3.65 -0.44 5.79
N ASN A 4 -4.93 -0.19 5.94
CA ASN A 4 -5.92 -1.25 5.91
C ASN A 4 -6.68 -1.21 4.60
N VAL A 5 -6.39 -2.16 3.72
CA VAL A 5 -6.92 -2.14 2.37
C VAL A 5 -6.98 -3.57 1.83
N ASP A 6 -7.38 -3.73 0.57
CA ASP A 6 -7.51 -5.05 -0.03
C ASP A 6 -6.78 -5.11 -1.35
N CYS A 7 -5.63 -5.72 -1.35
CA CYS A 7 -4.86 -5.90 -2.56
C CYS A 7 -5.14 -7.25 -3.19
N LYS A 8 -5.41 -7.24 -4.48
CA LYS A 8 -5.38 -8.47 -5.26
C LYS A 8 -3.94 -8.70 -5.71
N HIS A 9 -3.16 -7.62 -5.63
CA HIS A 9 -1.77 -7.61 -6.06
C HIS A 9 -1.09 -6.33 -5.56
N SER A 10 0.23 -6.34 -5.56
CA SER A 10 1.00 -5.21 -5.00
C SER A 10 0.84 -3.94 -5.82
N GLY A 11 0.77 -4.08 -7.13
CA GLY A 11 0.72 -2.93 -8.02
C GLY A 11 -0.45 -2.00 -7.77
N GLN A 12 -1.54 -2.52 -7.22
CA GLN A 12 -2.73 -1.71 -6.99
C GLN A 12 -2.67 -1.02 -5.63
N CYS A 13 -1.63 -1.34 -4.86
CA CYS A 13 -1.51 -0.82 -3.51
C CYS A 13 -0.79 0.52 -3.52
N LEU A 14 -0.37 0.92 -4.72
CA LEU A 14 0.27 2.20 -4.92
C LEU A 14 -0.68 3.32 -4.57
N LYS A 15 -1.82 3.32 -5.24
CA LYS A 15 -2.84 4.36 -5.11
C LYS A 15 -3.22 4.63 -3.64
N PRO A 16 -3.69 3.61 -2.88
CA PRO A 16 -4.20 3.85 -1.52
C PRO A 16 -3.12 4.35 -0.55
N CYS A 17 -1.89 3.90 -0.72
CA CYS A 17 -0.82 4.32 0.14
C CYS A 17 -0.25 5.65 -0.32
N LYS A 18 -0.47 5.96 -1.59
CA LYS A 18 -0.09 7.26 -2.14
C LYS A 18 -1.04 8.32 -1.60
N LYS A 19 -2.29 7.92 -1.46
CA LYS A 19 -3.31 8.76 -0.84
C LYS A 19 -3.00 8.92 0.65
N ALA A 20 -2.50 7.84 1.25
CA ALA A 20 -2.14 7.84 2.66
C ALA A 20 -0.99 8.82 2.92
N GLY A 21 0.03 8.76 2.06
CA GLY A 21 1.14 9.69 2.17
C GLY A 21 2.48 9.01 1.98
N MET A 22 2.48 7.85 1.35
CA MET A 22 3.71 7.11 1.11
C MET A 22 4.08 7.14 -0.36
N ARG A 23 5.12 6.43 -0.73
CA ARG A 23 5.58 6.46 -2.11
C ARG A 23 5.03 5.28 -2.91
N PHE A 24 5.38 4.08 -2.51
CA PHE A 24 5.05 2.88 -3.26
C PHE A 24 3.96 2.09 -2.54
N GLY A 25 3.87 0.80 -2.82
CA GLY A 25 2.89 -0.04 -2.17
C GLY A 25 3.12 -1.51 -2.43
N LYS A 26 2.90 -2.33 -1.41
CA LYS A 26 3.04 -3.77 -1.51
C LYS A 26 1.81 -4.45 -0.96
N CYS A 27 1.68 -5.73 -1.23
CA CYS A 27 0.51 -6.48 -0.84
C CYS A 27 0.81 -7.42 0.31
N ILE A 28 0.26 -7.11 1.47
CA ILE A 28 0.38 -7.97 2.63
C ILE A 28 -1.03 -8.51 2.93
N ASN A 29 -1.15 -9.46 3.86
CA ASN A 29 -2.42 -10.17 4.12
C ASN A 29 -3.62 -9.24 4.03
N GLY A 30 -3.57 -8.15 4.78
CA GLY A 30 -4.59 -7.13 4.68
C GLY A 30 -3.98 -5.75 4.86
N LYS A 31 -2.69 -5.66 4.63
CA LYS A 31 -1.95 -4.46 4.93
C LYS A 31 -1.26 -3.94 3.68
N CYS A 32 -1.39 -2.64 3.44
CA CYS A 32 -0.65 -2.03 2.35
C CYS A 32 0.70 -1.60 2.87
N ASP A 33 1.67 -2.47 2.77
CA ASP A 33 3.02 -2.14 3.20
C ASP A 33 3.70 -1.27 2.17
N CYS A 34 3.81 0.01 2.49
CA CYS A 34 4.30 0.99 1.54
C CYS A 34 5.42 1.81 2.15
N THR A 35 6.43 2.12 1.35
CA THR A 35 7.56 2.86 1.84
C THR A 35 7.32 4.33 1.58
N PRO A 36 7.45 5.16 2.61
CA PRO A 36 7.19 6.58 2.50
C PRO A 36 8.39 7.35 1.96
N LYS A 37 8.48 8.62 2.30
CA LYS A 37 9.60 9.44 1.87
C LYS A 37 10.74 9.32 2.88
N VAL A 1 4.49 2.09 9.12
CA VAL A 1 3.66 2.19 7.90
C VAL A 1 2.77 0.97 7.77
N GLY A 2 2.16 0.81 6.60
CA GLY A 2 1.22 -0.26 6.38
C GLY A 2 -0.20 0.23 6.48
N ILE A 3 -0.95 0.13 5.40
CA ILE A 3 -2.29 0.68 5.39
C ILE A 3 -3.33 -0.41 5.55
N ASN A 4 -4.55 0.02 5.73
CA ASN A 4 -5.67 -0.89 5.94
C ASN A 4 -6.49 -0.93 4.66
N VAL A 5 -6.16 -1.87 3.80
CA VAL A 5 -6.76 -1.95 2.48
C VAL A 5 -6.87 -3.41 2.04
N ASP A 6 -7.38 -3.64 0.84
CA ASP A 6 -7.55 -5.00 0.35
C ASP A 6 -6.94 -5.14 -1.03
N CYS A 7 -5.78 -5.76 -1.06
CA CYS A 7 -5.03 -5.91 -2.30
C CYS A 7 -5.34 -7.22 -2.99
N LYS A 8 -5.56 -7.13 -4.29
CA LYS A 8 -5.53 -8.31 -5.15
C LYS A 8 -4.08 -8.57 -5.55
N HIS A 9 -3.29 -7.51 -5.47
CA HIS A 9 -1.89 -7.54 -5.87
C HIS A 9 -1.19 -6.28 -5.39
N SER A 10 0.14 -6.28 -5.40
CA SER A 10 0.91 -5.15 -4.91
C SER A 10 0.70 -3.92 -5.80
N GLY A 11 0.68 -4.15 -7.11
CA GLY A 11 0.65 -3.07 -8.08
C GLY A 11 -0.55 -2.15 -7.96
N GLN A 12 -1.60 -2.59 -7.29
CA GLN A 12 -2.79 -1.76 -7.17
C GLN A 12 -2.71 -0.86 -5.95
N CYS A 13 -1.81 -1.19 -5.03
CA CYS A 13 -1.71 -0.47 -3.78
C CYS A 13 -0.73 0.68 -3.88
N LEU A 14 -0.52 1.16 -5.09
CA LEU A 14 0.22 2.39 -5.30
C LEU A 14 -0.73 3.56 -5.11
N LYS A 15 -1.93 3.39 -5.64
CA LYS A 15 -2.98 4.39 -5.58
C LYS A 15 -3.41 4.70 -4.13
N PRO A 16 -3.88 3.71 -3.34
CA PRO A 16 -4.36 3.99 -1.97
C PRO A 16 -3.21 4.35 -1.03
N CYS A 17 -2.03 3.83 -1.34
CA CYS A 17 -0.86 4.11 -0.53
C CYS A 17 -0.37 5.53 -0.76
N LYS A 18 -0.59 6.04 -1.97
CA LYS A 18 -0.21 7.40 -2.29
C LYS A 18 -1.09 8.36 -1.51
N LYS A 19 -2.35 7.97 -1.37
CA LYS A 19 -3.31 8.75 -0.60
C LYS A 19 -3.02 8.62 0.90
N ALA A 20 -2.45 7.46 1.26
CA ALA A 20 -2.05 7.22 2.65
C ALA A 20 -0.94 8.18 3.05
N GLY A 21 -0.06 8.47 2.11
CA GLY A 21 0.98 9.44 2.36
C GLY A 21 2.38 8.89 2.13
N MET A 22 2.46 7.71 1.55
CA MET A 22 3.75 7.08 1.31
C MET A 22 4.08 7.11 -0.17
N ARG A 23 5.19 6.49 -0.56
CA ARG A 23 5.61 6.52 -1.96
C ARG A 23 5.08 5.31 -2.71
N PHE A 24 5.52 4.13 -2.31
CA PHE A 24 5.17 2.89 -2.99
C PHE A 24 4.42 1.96 -2.05
N GLY A 25 3.70 1.01 -2.61
CA GLY A 25 2.91 0.11 -1.81
C GLY A 25 2.96 -1.31 -2.31
N LYS A 26 2.89 -2.26 -1.39
CA LYS A 26 2.94 -3.67 -1.71
C LYS A 26 1.87 -4.42 -0.94
N CYS A 27 1.62 -5.66 -1.32
CA CYS A 27 0.54 -6.44 -0.74
C CYS A 27 1.08 -7.49 0.22
N ILE A 28 0.64 -7.43 1.47
CA ILE A 28 1.08 -8.35 2.49
C ILE A 28 -0.15 -9.12 2.95
N ASN A 29 0.02 -10.08 3.87
CA ASN A 29 -1.07 -10.96 4.32
C ASN A 29 -2.21 -10.23 5.04
N GLY A 30 -2.79 -9.25 4.37
CA GLY A 30 -3.91 -8.53 4.92
C GLY A 30 -3.79 -7.03 4.75
N LYS A 31 -2.57 -6.55 4.60
CA LYS A 31 -2.32 -5.12 4.57
C LYS A 31 -1.61 -4.74 3.29
N CYS A 32 -1.53 -3.45 3.03
CA CYS A 32 -0.66 -2.97 1.99
C CYS A 32 0.44 -2.14 2.62
N ASP A 33 1.60 -2.76 2.75
CA ASP A 33 2.76 -2.13 3.35
C ASP A 33 3.42 -1.19 2.35
N CYS A 34 4.02 -0.13 2.86
CA CYS A 34 4.50 0.94 2.01
C CYS A 34 5.88 1.41 2.43
N THR A 35 6.57 2.07 1.53
CA THR A 35 7.75 2.80 1.88
C THR A 35 7.50 4.27 1.61
N PRO A 36 7.65 5.11 2.64
CA PRO A 36 7.33 6.52 2.55
C PRO A 36 8.43 7.32 1.86
N LYS A 37 8.38 8.63 2.05
CA LYS A 37 9.35 9.52 1.42
C LYS A 37 10.67 9.46 2.18
N VAL A 1 4.44 1.61 9.24
CA VAL A 1 3.64 1.99 8.05
C VAL A 1 2.86 0.79 7.52
N GLY A 2 2.11 1.00 6.46
CA GLY A 2 1.23 -0.04 5.95
C GLY A 2 -0.20 0.25 6.31
N ILE A 3 -1.07 0.17 5.33
CA ILE A 3 -2.45 0.60 5.52
C ILE A 3 -3.41 -0.58 5.57
N ASN A 4 -4.68 -0.27 5.77
CA ASN A 4 -5.71 -1.28 5.95
C ASN A 4 -6.56 -1.42 4.71
N VAL A 5 -5.93 -1.31 3.56
CA VAL A 5 -6.62 -1.49 2.30
C VAL A 5 -6.38 -2.91 1.80
N ASP A 6 -7.25 -3.38 0.92
CA ASP A 6 -7.19 -4.76 0.45
C ASP A 6 -6.59 -4.82 -0.93
N CYS A 7 -5.42 -5.39 -1.03
CA CYS A 7 -4.74 -5.52 -2.31
C CYS A 7 -5.08 -6.84 -2.99
N LYS A 8 -5.43 -6.75 -4.26
CA LYS A 8 -5.46 -7.92 -5.10
C LYS A 8 -4.04 -8.19 -5.58
N HIS A 9 -3.21 -7.14 -5.50
CA HIS A 9 -1.81 -7.23 -5.87
C HIS A 9 -1.08 -5.96 -5.44
N SER A 10 0.24 -6.01 -5.42
CA SER A 10 1.05 -4.88 -4.96
C SER A 10 0.76 -3.61 -5.77
N GLY A 11 0.57 -3.81 -7.08
CA GLY A 11 0.36 -2.69 -7.99
C GLY A 11 -0.77 -1.77 -7.56
N GLN A 12 -1.84 -2.34 -7.00
CA GLN A 12 -2.97 -1.52 -6.59
C GLN A 12 -2.87 -1.06 -5.15
N CYS A 13 -1.68 -1.18 -4.55
CA CYS A 13 -1.44 -0.60 -3.24
C CYS A 13 -0.92 0.81 -3.40
N LEU A 14 -0.37 1.08 -4.58
CA LEU A 14 0.21 2.38 -4.90
C LEU A 14 -0.81 3.50 -4.73
N LYS A 15 -2.01 3.28 -5.27
CA LYS A 15 -3.05 4.28 -5.25
C LYS A 15 -3.50 4.65 -3.83
N PRO A 16 -3.98 3.70 -3.00
CA PRO A 16 -4.46 4.03 -1.65
C PRO A 16 -3.34 4.44 -0.71
N CYS A 17 -2.14 3.91 -0.93
CA CYS A 17 -0.99 4.30 -0.14
C CYS A 17 -0.52 5.69 -0.54
N LYS A 18 -0.77 6.08 -1.77
CA LYS A 18 -0.47 7.42 -2.23
C LYS A 18 -1.43 8.41 -1.58
N LYS A 19 -2.68 7.99 -1.42
CA LYS A 19 -3.66 8.78 -0.70
C LYS A 19 -3.29 8.82 0.78
N ALA A 20 -2.69 7.74 1.26
CA ALA A 20 -2.20 7.66 2.62
C ALA A 20 -1.04 8.62 2.82
N GLY A 21 -0.10 8.58 1.87
CA GLY A 21 1.02 9.49 1.90
C GLY A 21 2.36 8.78 1.72
N MET A 22 2.32 7.53 1.28
CA MET A 22 3.55 6.75 1.11
C MET A 22 3.98 6.74 -0.35
N ARG A 23 5.15 6.16 -0.60
CA ARG A 23 5.77 6.27 -1.93
C ARG A 23 5.43 5.06 -2.80
N PHE A 24 5.70 3.89 -2.28
CA PHE A 24 5.51 2.66 -3.06
C PHE A 24 4.34 1.86 -2.51
N GLY A 25 4.32 0.56 -2.76
CA GLY A 25 3.25 -0.28 -2.27
C GLY A 25 3.49 -1.74 -2.53
N LYS A 26 3.30 -2.56 -1.49
CA LYS A 26 3.44 -4.00 -1.61
C LYS A 26 2.24 -4.68 -0.98
N CYS A 27 1.92 -5.87 -1.46
CA CYS A 27 0.71 -6.55 -1.02
C CYS A 27 1.02 -7.53 0.11
N ILE A 28 0.42 -7.30 1.25
CA ILE A 28 0.55 -8.18 2.38
C ILE A 28 -0.78 -8.90 2.59
N ASN A 29 -0.77 -9.98 3.38
CA ASN A 29 -1.95 -10.85 3.57
C ASN A 29 -3.25 -10.06 3.70
N GLY A 30 -3.19 -8.94 4.39
CA GLY A 30 -4.36 -8.08 4.49
C GLY A 30 -3.98 -6.61 4.53
N LYS A 31 -2.71 -6.32 4.25
CA LYS A 31 -2.20 -4.97 4.38
C LYS A 31 -1.61 -4.50 3.05
N CYS A 32 -1.73 -3.23 2.78
CA CYS A 32 -0.91 -2.63 1.75
C CYS A 32 0.28 -1.96 2.43
N ASP A 33 1.34 -2.75 2.60
CA ASP A 33 2.56 -2.25 3.21
C ASP A 33 3.34 -1.42 2.22
N CYS A 34 3.45 -0.14 2.53
CA CYS A 34 4.06 0.81 1.62
C CYS A 34 5.06 1.68 2.37
N THR A 35 6.19 1.99 1.73
CA THR A 35 7.25 2.73 2.38
C THR A 35 7.06 4.21 2.12
N PRO A 36 7.14 5.02 3.19
CA PRO A 36 6.93 6.47 3.10
C PRO A 36 8.17 7.21 2.60
N LYS A 37 8.24 8.50 2.87
CA LYS A 37 9.39 9.31 2.47
C LYS A 37 10.63 8.90 3.27
N VAL A 1 4.42 2.24 8.78
CA VAL A 1 3.71 2.36 7.49
C VAL A 1 2.75 1.18 7.28
N GLY A 2 2.09 1.16 6.14
CA GLY A 2 1.12 0.12 5.87
C GLY A 2 -0.29 0.59 6.16
N ILE A 3 -1.16 0.46 5.19
CA ILE A 3 -2.49 1.03 5.28
C ILE A 3 -3.54 -0.05 5.51
N ASN A 4 -4.78 0.38 5.66
CA ASN A 4 -5.90 -0.54 5.85
C ASN A 4 -6.64 -0.70 4.55
N VAL A 5 -6.29 -1.74 3.81
CA VAL A 5 -6.84 -1.97 2.51
C VAL A 5 -6.72 -3.46 2.17
N ASP A 6 -7.15 -3.86 0.99
CA ASP A 6 -7.03 -5.25 0.55
C ASP A 6 -6.59 -5.31 -0.89
N CYS A 7 -5.37 -5.76 -1.08
CA CYS A 7 -4.76 -5.87 -2.40
C CYS A 7 -4.97 -7.24 -3.02
N LYS A 8 -5.24 -7.25 -4.31
CA LYS A 8 -5.13 -8.44 -5.11
C LYS A 8 -3.67 -8.58 -5.56
N HIS A 9 -2.99 -7.44 -5.55
CA HIS A 9 -1.61 -7.33 -6.02
C HIS A 9 -1.00 -6.02 -5.53
N SER A 10 0.33 -5.93 -5.56
CA SER A 10 1.04 -4.78 -5.03
C SER A 10 0.81 -3.52 -5.86
N GLY A 11 0.62 -3.69 -7.17
CA GLY A 11 0.47 -2.56 -8.07
C GLY A 11 -0.70 -1.66 -7.72
N GLN A 12 -1.73 -2.22 -7.11
CA GLN A 12 -2.93 -1.45 -6.77
C GLN A 12 -2.76 -0.74 -5.44
N CYS A 13 -1.72 -1.09 -4.71
CA CYS A 13 -1.48 -0.48 -3.40
C CYS A 13 -1.00 0.95 -3.58
N LEU A 14 -0.43 1.24 -4.73
CA LEU A 14 0.17 2.53 -5.02
C LEU A 14 -0.82 3.68 -4.83
N LYS A 15 -2.03 3.51 -5.34
CA LYS A 15 -3.03 4.56 -5.30
C LYS A 15 -3.46 4.88 -3.85
N PRO A 16 -3.99 3.91 -3.07
CA PRO A 16 -4.42 4.17 -1.70
C PRO A 16 -3.25 4.48 -0.78
N CYS A 17 -2.07 4.02 -1.14
CA CYS A 17 -0.86 4.32 -0.38
C CYS A 17 -0.41 5.76 -0.64
N LYS A 18 -0.66 6.23 -1.85
CA LYS A 18 -0.34 7.59 -2.22
C LYS A 18 -1.32 8.53 -1.53
N LYS A 19 -2.55 8.07 -1.41
CA LYS A 19 -3.57 8.77 -0.65
C LYS A 19 -3.26 8.71 0.84
N ALA A 20 -2.54 7.66 1.24
CA ALA A 20 -2.14 7.49 2.63
C ALA A 20 -0.99 8.42 2.98
N GLY A 21 0.01 8.50 2.10
CA GLY A 21 1.09 9.43 2.29
C GLY A 21 2.46 8.83 2.08
N MET A 22 2.51 7.62 1.53
CA MET A 22 3.80 6.97 1.27
C MET A 22 4.10 6.93 -0.22
N ARG A 23 5.15 6.20 -0.60
CA ARG A 23 5.59 6.21 -2.00
C ARG A 23 5.05 5.01 -2.76
N PHE A 24 5.50 3.83 -2.38
CA PHE A 24 5.11 2.61 -3.08
C PHE A 24 4.40 1.67 -2.14
N GLY A 25 3.65 0.73 -2.69
CA GLY A 25 2.89 -0.18 -1.87
C GLY A 25 3.13 -1.63 -2.24
N LYS A 26 3.18 -2.49 -1.24
CA LYS A 26 3.40 -3.91 -1.43
C LYS A 26 2.17 -4.67 -0.91
N CYS A 27 1.96 -5.87 -1.41
CA CYS A 27 0.78 -6.63 -1.06
C CYS A 27 1.09 -7.62 0.07
N ILE A 28 0.45 -7.40 1.21
CA ILE A 28 0.59 -8.27 2.35
C ILE A 28 -0.77 -8.92 2.61
N ASN A 29 -0.79 -10.01 3.40
CA ASN A 29 -1.99 -10.83 3.61
C ASN A 29 -3.27 -10.00 3.74
N GLY A 30 -3.19 -8.89 4.47
CA GLY A 30 -4.32 -8.01 4.57
C GLY A 30 -3.91 -6.55 4.57
N LYS A 31 -2.65 -6.30 4.24
CA LYS A 31 -2.11 -4.96 4.28
C LYS A 31 -1.53 -4.56 2.95
N CYS A 32 -1.73 -3.31 2.56
CA CYS A 32 -0.88 -2.73 1.55
C CYS A 32 0.25 -2.03 2.25
N ASP A 33 1.27 -2.80 2.61
CA ASP A 33 2.40 -2.28 3.36
C ASP A 33 3.31 -1.51 2.43
N CYS A 34 3.64 -0.30 2.82
CA CYS A 34 4.31 0.64 1.94
C CYS A 34 5.75 0.87 2.36
N THR A 35 6.47 1.58 1.51
CA THR A 35 7.75 2.12 1.87
C THR A 35 7.67 3.63 1.71
N PRO A 36 7.99 4.37 2.78
CA PRO A 36 7.86 5.81 2.79
C PRO A 36 9.05 6.48 2.13
N LYS A 37 9.23 7.76 2.42
CA LYS A 37 10.30 8.53 1.81
C LYS A 37 11.65 8.20 2.46
N VAL A 1 4.83 2.21 8.81
CA VAL A 1 3.85 2.44 7.73
C VAL A 1 3.13 1.16 7.36
N GLY A 2 2.17 1.29 6.45
CA GLY A 2 1.36 0.16 6.06
C GLY A 2 -0.10 0.38 6.39
N ILE A 3 -0.93 0.51 5.37
CA ILE A 3 -2.32 0.89 5.59
C ILE A 3 -3.23 -0.33 5.60
N ASN A 4 -4.49 -0.10 5.87
CA ASN A 4 -5.50 -1.14 5.89
C ASN A 4 -6.26 -1.10 4.57
N VAL A 5 -6.12 -2.15 3.77
CA VAL A 5 -6.70 -2.16 2.44
C VAL A 5 -6.77 -3.59 1.92
N ASP A 6 -7.23 -3.75 0.68
CA ASP A 6 -7.39 -5.07 0.08
C ASP A 6 -6.81 -5.10 -1.31
N CYS A 7 -5.63 -5.62 -1.41
CA CYS A 7 -4.92 -5.72 -2.67
C CYS A 7 -5.14 -7.07 -3.33
N LYS A 8 -5.27 -7.05 -4.65
CA LYS A 8 -5.15 -8.26 -5.45
C LYS A 8 -3.69 -8.43 -5.85
N HIS A 9 -2.96 -7.32 -5.72
CA HIS A 9 -1.56 -7.25 -6.12
C HIS A 9 -0.98 -5.90 -5.69
N SER A 10 0.32 -5.85 -5.50
CA SER A 10 0.99 -4.65 -4.97
C SER A 10 0.94 -3.48 -5.95
N GLY A 11 0.75 -3.78 -7.24
CA GLY A 11 0.69 -2.73 -8.24
C GLY A 11 -0.44 -1.75 -8.02
N GLN A 12 -1.56 -2.25 -7.50
CA GLN A 12 -2.73 -1.41 -7.28
C GLN A 12 -2.63 -0.73 -5.92
N CYS A 13 -1.60 -1.07 -5.17
CA CYS A 13 -1.48 -0.61 -3.78
C CYS A 13 -0.89 0.79 -3.77
N LEU A 14 -0.41 1.22 -4.92
CA LEU A 14 0.16 2.55 -5.08
C LEU A 14 -0.88 3.62 -4.82
N LYS A 15 -1.99 3.51 -5.51
CA LYS A 15 -3.08 4.47 -5.44
C LYS A 15 -3.52 4.77 -4.00
N PRO A 16 -3.88 3.75 -3.17
CA PRO A 16 -4.29 3.98 -1.79
C PRO A 16 -3.13 4.37 -0.89
N CYS A 17 -1.93 3.92 -1.26
CA CYS A 17 -0.73 4.24 -0.51
C CYS A 17 -0.38 5.72 -0.68
N LYS A 18 -0.67 6.25 -1.86
CA LYS A 18 -0.44 7.66 -2.15
C LYS A 18 -1.47 8.52 -1.43
N LYS A 19 -2.67 7.96 -1.27
CA LYS A 19 -3.72 8.61 -0.49
C LYS A 19 -3.32 8.64 0.98
N ALA A 20 -2.56 7.63 1.40
CA ALA A 20 -2.10 7.54 2.77
C ALA A 20 -0.93 8.46 3.03
N GLY A 21 0.02 8.51 2.09
CA GLY A 21 1.11 9.45 2.20
C GLY A 21 2.48 8.85 1.91
N MET A 22 2.52 7.61 1.44
CA MET A 22 3.80 6.98 1.12
C MET A 22 3.99 6.90 -0.38
N ARG A 23 5.10 6.31 -0.81
CA ARG A 23 5.41 6.25 -2.24
C ARG A 23 4.89 4.96 -2.87
N PHE A 24 5.40 3.83 -2.42
CA PHE A 24 5.05 2.55 -3.01
C PHE A 24 4.38 1.66 -2.00
N GLY A 25 3.63 0.69 -2.48
CA GLY A 25 2.90 -0.20 -1.60
C GLY A 25 3.16 -1.66 -1.91
N LYS A 26 2.94 -2.52 -0.94
CA LYS A 26 3.12 -3.95 -1.11
C LYS A 26 1.87 -4.67 -0.64
N CYS A 27 1.63 -5.85 -1.20
CA CYS A 27 0.41 -6.57 -0.94
C CYS A 27 0.58 -7.53 0.23
N ILE A 28 -0.05 -7.21 1.34
CA ILE A 28 -0.09 -8.08 2.50
C ILE A 28 -1.53 -8.57 2.67
N ASN A 29 -1.72 -9.63 3.47
CA ASN A 29 -3.04 -10.28 3.61
C ASN A 29 -4.18 -9.26 3.74
N GLY A 30 -3.92 -8.16 4.44
CA GLY A 30 -4.90 -7.10 4.53
C GLY A 30 -4.24 -5.74 4.71
N LYS A 31 -2.95 -5.66 4.40
CA LYS A 31 -2.22 -4.42 4.60
C LYS A 31 -1.59 -3.95 3.30
N CYS A 32 -1.50 -2.65 3.14
CA CYS A 32 -0.67 -2.08 2.11
C CYS A 32 0.65 -1.72 2.74
N ASP A 33 1.56 -2.67 2.79
CA ASP A 33 2.84 -2.46 3.45
C ASP A 33 3.74 -1.60 2.57
N CYS A 34 3.71 -0.30 2.85
CA CYS A 34 4.31 0.70 2.00
C CYS A 34 5.74 1.03 2.37
N THR A 35 6.34 1.88 1.55
CA THR A 35 7.60 2.51 1.86
C THR A 35 7.50 3.98 1.46
N PRO A 36 7.81 4.89 2.39
CA PRO A 36 7.72 6.32 2.12
C PRO A 36 8.94 6.83 1.37
N LYS A 37 9.20 8.12 1.45
CA LYS A 37 10.37 8.71 0.82
C LYS A 37 11.59 8.61 1.74
N VAL A 1 4.74 2.31 9.02
CA VAL A 1 3.80 2.49 7.89
C VAL A 1 2.98 1.23 7.66
N GLY A 2 2.14 1.27 6.64
CA GLY A 2 1.28 0.14 6.32
C GLY A 2 -0.16 0.43 6.64
N ILE A 3 -1.02 0.39 5.62
CA ILE A 3 -2.43 0.74 5.81
C ILE A 3 -3.28 -0.52 5.80
N ASN A 4 -4.57 -0.36 6.07
CA ASN A 4 -5.51 -1.47 6.06
C ASN A 4 -6.36 -1.37 4.81
N VAL A 5 -6.13 -2.25 3.84
CA VAL A 5 -6.75 -2.12 2.54
C VAL A 5 -6.82 -3.47 1.85
N ASP A 6 -7.30 -3.49 0.62
CA ASP A 6 -7.41 -4.71 -0.16
C ASP A 6 -6.64 -4.57 -1.44
N CYS A 7 -5.51 -5.21 -1.52
CA CYS A 7 -4.68 -5.20 -2.71
C CYS A 7 -5.02 -6.36 -3.62
N LYS A 8 -4.83 -6.13 -4.90
CA LYS A 8 -4.92 -7.18 -5.88
C LYS A 8 -3.53 -7.78 -6.08
N HIS A 9 -2.51 -6.92 -5.98
CA HIS A 9 -1.12 -7.34 -6.14
C HIS A 9 -0.20 -6.48 -5.28
N SER A 10 1.03 -6.92 -5.11
CA SER A 10 2.05 -6.16 -4.40
C SER A 10 2.67 -5.12 -5.34
N GLY A 11 1.85 -4.18 -5.77
CA GLY A 11 2.33 -3.16 -6.69
C GLY A 11 1.26 -2.15 -7.01
N GLN A 12 0.05 -2.63 -7.28
CA GLN A 12 -1.06 -1.75 -7.65
C GLN A 12 -1.69 -1.09 -6.43
N CYS A 13 -1.04 -1.25 -5.28
CA CYS A 13 -1.54 -0.68 -4.03
C CYS A 13 -1.06 0.76 -3.92
N LEU A 14 -0.57 1.27 -5.04
CA LEU A 14 -0.03 2.62 -5.14
C LEU A 14 -1.08 3.68 -4.80
N LYS A 15 -2.25 3.54 -5.41
CA LYS A 15 -3.31 4.50 -5.27
C LYS A 15 -3.69 4.77 -3.80
N PRO A 16 -4.06 3.75 -3.00
CA PRO A 16 -4.42 3.97 -1.60
C PRO A 16 -3.22 4.35 -0.74
N CYS A 17 -2.05 3.87 -1.16
CA CYS A 17 -0.81 4.18 -0.48
C CYS A 17 -0.44 5.65 -0.67
N LYS A 18 -0.79 6.17 -1.83
CA LYS A 18 -0.56 7.57 -2.15
C LYS A 18 -1.54 8.44 -1.37
N LYS A 19 -2.75 7.93 -1.21
CA LYS A 19 -3.77 8.60 -0.42
C LYS A 19 -3.34 8.66 1.05
N ALA A 20 -2.61 7.62 1.46
CA ALA A 20 -2.08 7.56 2.82
C ALA A 20 -0.87 8.49 2.94
N GLY A 21 -0.01 8.48 1.91
CA GLY A 21 1.07 9.43 1.86
C GLY A 21 2.43 8.77 1.72
N MET A 22 2.49 7.57 1.18
CA MET A 22 3.76 6.88 1.00
C MET A 22 4.08 6.69 -0.47
N ARG A 23 5.22 6.11 -0.78
CA ARG A 23 5.68 6.00 -2.16
C ARG A 23 5.07 4.78 -2.87
N PHE A 24 5.51 3.61 -2.49
CA PHE A 24 5.09 2.37 -3.14
C PHE A 24 4.32 1.51 -2.16
N GLY A 25 3.51 0.60 -2.67
CA GLY A 25 2.66 -0.20 -1.81
C GLY A 25 2.70 -1.68 -2.15
N LYS A 26 3.02 -2.49 -1.16
CA LYS A 26 3.07 -3.93 -1.32
C LYS A 26 1.81 -4.56 -0.79
N CYS A 27 1.62 -5.84 -1.09
CA CYS A 27 0.40 -6.52 -0.68
C CYS A 27 0.69 -7.51 0.43
N ILE A 28 0.08 -7.27 1.58
CA ILE A 28 0.17 -8.15 2.71
C ILE A 28 -1.25 -8.51 3.11
N ASN A 29 -1.44 -9.44 4.05
CA ASN A 29 -2.77 -10.00 4.41
C ASN A 29 -3.78 -8.95 4.90
N GLY A 30 -4.13 -8.04 4.02
CA GLY A 30 -5.07 -6.98 4.33
C GLY A 30 -4.35 -5.68 4.63
N LYS A 31 -3.03 -5.69 4.44
CA LYS A 31 -2.21 -4.57 4.81
C LYS A 31 -1.44 -4.07 3.60
N CYS A 32 -1.50 -2.77 3.35
CA CYS A 32 -0.67 -2.19 2.31
C CYS A 32 0.65 -1.76 2.93
N ASP A 33 1.61 -2.66 2.94
CA ASP A 33 2.92 -2.35 3.49
C ASP A 33 3.69 -1.52 2.48
N CYS A 34 3.79 -0.25 2.78
CA CYS A 34 4.41 0.72 1.89
C CYS A 34 5.82 1.07 2.32
N THR A 35 6.53 1.77 1.44
CA THR A 35 7.77 2.39 1.81
C THR A 35 7.59 3.90 1.68
N PRO A 36 7.88 4.64 2.75
CA PRO A 36 7.71 6.08 2.78
C PRO A 36 8.87 6.81 2.12
N LYS A 37 9.03 8.08 2.43
CA LYS A 37 10.11 8.88 1.87
C LYS A 37 11.37 8.71 2.71
N VAL A 1 4.60 1.09 9.22
CA VAL A 1 3.64 1.58 8.20
C VAL A 1 2.84 0.44 7.63
N GLY A 2 1.97 0.75 6.69
CA GLY A 2 1.12 -0.27 6.12
C GLY A 2 -0.32 -0.03 6.47
N ILE A 3 -1.12 0.33 5.48
CA ILE A 3 -2.48 0.75 5.73
C ILE A 3 -3.42 -0.44 5.75
N ASN A 4 -4.69 -0.17 6.01
CA ASN A 4 -5.70 -1.21 6.10
C ASN A 4 -6.52 -1.22 4.83
N VAL A 5 -6.10 -2.04 3.89
CA VAL A 5 -6.72 -2.08 2.59
C VAL A 5 -6.69 -3.52 2.07
N ASP A 6 -7.18 -3.74 0.87
CA ASP A 6 -7.28 -5.09 0.32
C ASP A 6 -6.71 -5.13 -1.08
N CYS A 7 -5.50 -5.62 -1.19
CA CYS A 7 -4.82 -5.70 -2.46
C CYS A 7 -5.03 -7.03 -3.13
N LYS A 8 -5.37 -6.98 -4.41
CA LYS A 8 -5.32 -8.17 -5.23
C LYS A 8 -3.95 -8.26 -5.86
N HIS A 9 -3.25 -7.12 -5.86
CA HIS A 9 -1.90 -7.02 -6.41
C HIS A 9 -1.14 -5.93 -5.66
N SER A 10 0.17 -5.87 -5.85
CA SER A 10 0.99 -4.83 -5.25
C SER A 10 0.90 -3.54 -6.05
N GLY A 11 0.53 -3.65 -7.32
CA GLY A 11 0.42 -2.48 -8.18
C GLY A 11 -0.73 -1.58 -7.82
N GLN A 12 -1.85 -2.17 -7.45
CA GLN A 12 -3.03 -1.40 -7.04
C GLN A 12 -2.89 -0.93 -5.61
N CYS A 13 -1.75 -1.23 -5.01
CA CYS A 13 -1.46 -0.83 -3.64
C CYS A 13 -0.89 0.58 -3.63
N LEU A 14 -0.47 1.03 -4.82
CA LEU A 14 0.13 2.35 -4.97
C LEU A 14 -0.87 3.45 -4.67
N LYS A 15 -1.97 3.43 -5.41
CA LYS A 15 -2.99 4.45 -5.36
C LYS A 15 -3.45 4.78 -3.93
N PRO A 16 -3.89 3.80 -3.11
CA PRO A 16 -4.38 4.10 -1.76
C PRO A 16 -3.28 4.52 -0.80
N CYS A 17 -2.06 4.06 -1.05
CA CYS A 17 -0.94 4.43 -0.23
C CYS A 17 -0.44 5.82 -0.59
N LYS A 18 -0.68 6.23 -1.81
CA LYS A 18 -0.38 7.59 -2.23
C LYS A 18 -1.43 8.53 -1.67
N LYS A 19 -2.60 7.98 -1.38
CA LYS A 19 -3.66 8.69 -0.69
C LYS A 19 -3.26 8.85 0.78
N ALA A 20 -2.62 7.83 1.32
CA ALA A 20 -2.15 7.84 2.69
C ALA A 20 -0.96 8.79 2.85
N GLY A 21 0.03 8.65 1.98
CA GLY A 21 1.18 9.52 2.00
C GLY A 21 2.50 8.80 1.81
N MET A 22 2.43 7.59 1.25
CA MET A 22 3.64 6.80 1.01
C MET A 22 4.05 6.84 -0.45
N ARG A 23 5.16 6.19 -0.78
CA ARG A 23 5.69 6.23 -2.14
C ARG A 23 5.26 5.03 -2.96
N PHE A 24 5.61 3.85 -2.47
CA PHE A 24 5.38 2.60 -3.19
C PHE A 24 4.22 1.85 -2.56
N GLY A 25 4.13 0.55 -2.85
CA GLY A 25 3.09 -0.26 -2.28
C GLY A 25 3.41 -1.74 -2.33
N LYS A 26 3.11 -2.45 -1.24
CA LYS A 26 3.37 -3.86 -1.15
C LYS A 26 2.13 -4.56 -0.62
N CYS A 27 1.86 -5.74 -1.11
CA CYS A 27 0.66 -6.45 -0.76
C CYS A 27 0.91 -7.42 0.39
N ILE A 28 0.33 -7.14 1.54
CA ILE A 28 0.43 -8.00 2.68
C ILE A 28 -0.94 -8.64 2.93
N ASN A 29 -0.98 -9.72 3.71
CA ASN A 29 -2.21 -10.51 3.89
C ASN A 29 -3.44 -9.64 4.11
N GLY A 30 -3.28 -8.53 4.83
CA GLY A 30 -4.37 -7.60 4.99
C GLY A 30 -3.91 -6.16 4.99
N LYS A 31 -2.66 -5.91 4.60
CA LYS A 31 -2.11 -4.57 4.67
C LYS A 31 -1.59 -4.11 3.32
N CYS A 32 -1.49 -2.81 3.16
CA CYS A 32 -0.68 -2.23 2.12
C CYS A 32 0.58 -1.67 2.74
N ASP A 33 1.60 -2.52 2.85
CA ASP A 33 2.86 -2.14 3.47
C ASP A 33 3.67 -1.31 2.50
N CYS A 34 3.48 -0.01 2.55
CA CYS A 34 4.08 0.91 1.62
C CYS A 34 5.14 1.77 2.31
N THR A 35 6.22 2.04 1.61
CA THR A 35 7.29 2.83 2.18
C THR A 35 7.13 4.27 1.75
N PRO A 36 7.15 5.21 2.71
CA PRO A 36 6.95 6.61 2.43
C PRO A 36 8.22 7.31 1.99
N LYS A 37 8.22 8.62 2.06
CA LYS A 37 9.37 9.43 1.68
C LYS A 37 10.47 9.32 2.71
N VAL A 1 4.70 2.06 9.18
CA VAL A 1 3.83 2.34 8.03
C VAL A 1 3.02 1.11 7.65
N GLY A 2 2.22 1.24 6.59
CA GLY A 2 1.38 0.14 6.17
C GLY A 2 -0.07 0.38 6.52
N ILE A 3 -0.93 0.32 5.53
CA ILE A 3 -2.33 0.60 5.73
C ILE A 3 -3.11 -0.71 5.75
N ASN A 4 -4.43 -0.63 5.81
CA ASN A 4 -5.24 -1.83 5.80
C ASN A 4 -5.54 -2.22 4.37
N VAL A 5 -6.62 -1.65 3.82
CA VAL A 5 -7.02 -1.84 2.41
C VAL A 5 -7.06 -3.33 2.01
N ASP A 6 -7.25 -3.59 0.73
CA ASP A 6 -7.21 -4.95 0.21
C ASP A 6 -6.52 -4.99 -1.14
N CYS A 7 -5.38 -5.66 -1.20
CA CYS A 7 -4.65 -5.81 -2.45
C CYS A 7 -5.02 -7.08 -3.18
N LYS A 8 -5.32 -6.94 -4.45
CA LYS A 8 -5.34 -8.08 -5.35
C LYS A 8 -3.91 -8.30 -5.84
N HIS A 9 -3.13 -7.23 -5.74
CA HIS A 9 -1.74 -7.20 -6.20
C HIS A 9 -1.12 -5.86 -5.84
N SER A 10 0.20 -5.80 -5.79
CA SER A 10 0.94 -4.62 -5.35
C SER A 10 0.78 -3.44 -6.32
N GLY A 11 0.54 -3.74 -7.59
CA GLY A 11 0.39 -2.71 -8.60
C GLY A 11 -0.76 -1.75 -8.28
N GLN A 12 -1.82 -2.28 -7.68
CA GLN A 12 -2.98 -1.47 -7.35
C GLN A 12 -2.84 -0.89 -5.94
N CYS A 13 -1.69 -1.11 -5.34
CA CYS A 13 -1.46 -0.69 -3.96
C CYS A 13 -0.94 0.74 -3.92
N LEU A 14 -0.51 1.22 -5.07
CA LEU A 14 0.06 2.55 -5.18
C LEU A 14 -0.97 3.62 -4.85
N LYS A 15 -2.12 3.52 -5.52
CA LYS A 15 -3.20 4.48 -5.38
C LYS A 15 -3.60 4.74 -3.91
N PRO A 16 -3.98 3.70 -3.12
CA PRO A 16 -4.42 3.92 -1.74
C PRO A 16 -3.25 4.31 -0.84
N CYS A 17 -2.06 3.88 -1.22
CA CYS A 17 -0.86 4.17 -0.46
C CYS A 17 -0.45 5.62 -0.68
N LYS A 18 -0.77 6.14 -1.85
CA LYS A 18 -0.48 7.53 -2.17
C LYS A 18 -1.44 8.44 -1.43
N LYS A 19 -2.65 7.95 -1.20
CA LYS A 19 -3.63 8.67 -0.41
C LYS A 19 -3.20 8.68 1.06
N ALA A 20 -2.46 7.64 1.44
CA ALA A 20 -1.89 7.56 2.77
C ALA A 20 -0.70 8.52 2.88
N GLY A 21 0.03 8.64 1.78
CA GLY A 21 1.10 9.63 1.69
C GLY A 21 2.47 9.02 1.55
N MET A 22 2.53 7.77 1.13
CA MET A 22 3.80 7.09 0.99
C MET A 22 4.22 7.00 -0.48
N ARG A 23 5.31 6.30 -0.75
CA ARG A 23 5.85 6.24 -2.10
C ARG A 23 5.25 5.06 -2.86
N PHE A 24 5.45 3.87 -2.32
CA PHE A 24 5.01 2.64 -2.97
C PHE A 24 4.35 1.72 -1.95
N GLY A 25 3.58 0.79 -2.45
CA GLY A 25 2.91 -0.17 -1.60
C GLY A 25 3.28 -1.59 -1.97
N LYS A 26 3.01 -2.52 -1.08
CA LYS A 26 3.31 -3.92 -1.32
C LYS A 26 2.15 -4.76 -0.84
N CYS A 27 1.88 -5.86 -1.53
CA CYS A 27 0.76 -6.71 -1.19
C CYS A 27 1.20 -7.79 -0.22
N ILE A 28 0.82 -7.62 1.03
CA ILE A 28 1.12 -8.59 2.06
C ILE A 28 -0.10 -9.51 2.19
N ASN A 29 -0.25 -10.27 3.29
CA ASN A 29 -1.40 -11.17 3.46
C ASN A 29 -2.75 -10.43 3.56
N GLY A 30 -2.97 -9.46 2.69
CA GLY A 30 -4.23 -8.75 2.64
C GLY A 30 -4.11 -7.27 2.93
N LYS A 31 -2.90 -6.80 3.23
CA LYS A 31 -2.72 -5.41 3.60
C LYS A 31 -1.76 -4.71 2.65
N CYS A 32 -1.83 -3.39 2.63
CA CYS A 32 -0.87 -2.59 1.86
C CYS A 32 0.20 -2.01 2.76
N ASP A 33 1.26 -2.76 2.96
CA ASP A 33 2.43 -2.25 3.65
C ASP A 33 3.24 -1.40 2.70
N CYS A 34 3.50 -0.17 3.09
CA CYS A 34 4.10 0.80 2.19
C CYS A 34 5.55 1.10 2.57
N THR A 35 6.25 1.78 1.68
CA THR A 35 7.54 2.35 1.99
C THR A 35 7.45 3.85 1.79
N PRO A 36 7.74 4.62 2.85
CA PRO A 36 7.64 6.07 2.80
C PRO A 36 8.90 6.70 2.25
N LYS A 37 9.10 7.96 2.55
CA LYS A 37 10.28 8.67 2.11
C LYS A 37 11.40 8.53 3.14
N VAL A 1 4.55 2.23 9.11
CA VAL A 1 3.73 2.46 7.90
C VAL A 1 2.95 1.21 7.54
N GLY A 2 2.11 1.31 6.52
CA GLY A 2 1.26 0.20 6.13
C GLY A 2 -0.18 0.47 6.47
N ILE A 3 -1.07 0.36 5.49
CA ILE A 3 -2.47 0.67 5.70
C ILE A 3 -3.32 -0.60 5.66
N ASN A 4 -4.61 -0.42 5.90
CA ASN A 4 -5.55 -1.53 5.95
C ASN A 4 -6.43 -1.46 4.71
N VAL A 5 -6.07 -2.23 3.70
CA VAL A 5 -6.72 -2.13 2.41
C VAL A 5 -6.87 -3.52 1.80
N ASP A 6 -7.41 -3.59 0.58
CA ASP A 6 -7.66 -4.86 -0.06
C ASP A 6 -7.02 -4.91 -1.43
N CYS A 7 -5.83 -5.41 -1.45
CA CYS A 7 -5.08 -5.58 -2.68
C CYS A 7 -5.26 -6.99 -3.23
N LYS A 8 -5.49 -7.09 -4.52
CA LYS A 8 -5.40 -8.36 -5.21
C LYS A 8 -3.93 -8.58 -5.60
N HIS A 9 -3.19 -7.48 -5.59
CA HIS A 9 -1.79 -7.48 -5.99
C HIS A 9 -1.14 -6.16 -5.61
N SER A 10 0.18 -6.18 -5.43
CA SER A 10 0.94 -5.02 -4.98
C SER A 10 0.82 -3.84 -5.94
N GLY A 11 0.64 -4.13 -7.23
CA GLY A 11 0.55 -3.09 -8.23
C GLY A 11 -0.58 -2.09 -7.98
N GLN A 12 -1.67 -2.56 -7.40
CA GLN A 12 -2.82 -1.70 -7.17
C GLN A 12 -2.74 -1.04 -5.79
N CYS A 13 -1.66 -1.31 -5.07
CA CYS A 13 -1.52 -0.81 -3.71
C CYS A 13 -0.97 0.61 -3.73
N LEU A 14 -0.52 1.02 -4.90
CA LEU A 14 0.10 2.33 -5.07
C LEU A 14 -0.88 3.46 -4.79
N LYS A 15 -2.03 3.41 -5.46
CA LYS A 15 -3.05 4.45 -5.36
C LYS A 15 -3.42 4.74 -3.90
N PRO A 16 -3.88 3.74 -3.09
CA PRO A 16 -4.27 3.99 -1.71
C PRO A 16 -3.08 4.34 -0.82
N CYS A 17 -1.91 3.87 -1.22
CA CYS A 17 -0.68 4.19 -0.51
C CYS A 17 -0.32 5.65 -0.71
N LYS A 18 -0.61 6.16 -1.91
CA LYS A 18 -0.37 7.56 -2.24
C LYS A 18 -1.39 8.44 -1.53
N LYS A 19 -2.58 7.91 -1.34
CA LYS A 19 -3.63 8.62 -0.62
C LYS A 19 -3.29 8.66 0.87
N ALA A 20 -2.59 7.62 1.33
CA ALA A 20 -2.17 7.55 2.72
C ALA A 20 -1.04 8.52 2.99
N GLY A 21 0.00 8.46 2.17
CA GLY A 21 1.10 9.40 2.31
C GLY A 21 2.46 8.79 2.03
N MET A 22 2.49 7.60 1.46
CA MET A 22 3.76 6.96 1.14
C MET A 22 4.02 6.99 -0.35
N ARG A 23 5.09 6.36 -0.80
CA ARG A 23 5.46 6.39 -2.21
C ARG A 23 4.99 5.14 -2.93
N PHE A 24 5.45 4.00 -2.44
CA PHE A 24 5.15 2.72 -3.07
C PHE A 24 4.49 1.80 -2.06
N GLY A 25 3.75 0.83 -2.56
CA GLY A 25 3.00 -0.07 -1.70
C GLY A 25 3.14 -1.51 -2.13
N LYS A 26 3.05 -2.42 -1.17
CA LYS A 26 3.16 -3.84 -1.45
C LYS A 26 2.00 -4.57 -0.82
N CYS A 27 1.59 -5.66 -1.43
CA CYS A 27 0.47 -6.44 -0.94
C CYS A 27 0.98 -7.56 -0.05
N ILE A 28 0.61 -7.52 1.22
CA ILE A 28 1.10 -8.50 2.16
C ILE A 28 -0.07 -9.28 2.77
N ASN A 29 -0.23 -9.29 4.10
CA ASN A 29 -1.27 -10.09 4.73
C ASN A 29 -2.55 -9.28 4.90
N GLY A 30 -2.98 -8.66 3.82
CA GLY A 30 -4.17 -7.83 3.86
C GLY A 30 -3.82 -6.40 4.22
N LYS A 31 -2.54 -6.09 4.21
CA LYS A 31 -2.07 -4.76 4.52
C LYS A 31 -1.32 -4.20 3.33
N CYS A 32 -1.36 -2.89 3.18
CA CYS A 32 -0.54 -2.25 2.18
C CYS A 32 0.75 -1.80 2.84
N ASP A 33 1.71 -2.70 2.95
CA ASP A 33 2.97 -2.38 3.57
C ASP A 33 3.80 -1.56 2.59
N CYS A 34 3.91 -0.28 2.90
CA CYS A 34 4.49 0.69 1.99
C CYS A 34 5.88 1.12 2.42
N THR A 35 6.52 1.90 1.56
CA THR A 35 7.73 2.61 1.90
C THR A 35 7.48 4.10 1.67
N PRO A 36 7.69 4.92 2.70
CA PRO A 36 7.40 6.34 2.64
C PRO A 36 8.52 7.13 1.98
N LYS A 37 8.59 8.42 2.26
CA LYS A 37 9.65 9.26 1.71
C LYS A 37 10.84 9.28 2.66
N VAL A 1 4.42 1.95 9.12
CA VAL A 1 3.72 2.20 7.84
C VAL A 1 3.02 0.95 7.34
N GLY A 2 2.27 1.09 6.26
CA GLY A 2 1.46 0.00 5.78
C GLY A 2 0.01 0.25 6.09
N ILE A 3 -0.79 0.44 5.04
CA ILE A 3 -2.12 0.98 5.20
C ILE A 3 -3.14 -0.12 5.47
N ASN A 4 -4.37 0.30 5.72
CA ASN A 4 -5.45 -0.60 6.03
C ASN A 4 -6.38 -0.69 4.83
N VAL A 5 -6.09 -1.64 3.96
CA VAL A 5 -6.76 -1.73 2.68
C VAL A 5 -6.88 -3.20 2.27
N ASP A 6 -7.39 -3.45 1.08
CA ASP A 6 -7.47 -4.82 0.56
C ASP A 6 -6.90 -4.89 -0.84
N CYS A 7 -5.74 -5.50 -0.93
CA CYS A 7 -5.03 -5.60 -2.20
C CYS A 7 -5.37 -6.88 -2.92
N LYS A 8 -5.62 -6.76 -4.21
CA LYS A 8 -5.62 -7.91 -5.09
C LYS A 8 -4.19 -8.20 -5.50
N HIS A 9 -3.36 -7.15 -5.44
CA HIS A 9 -1.95 -7.23 -5.79
C HIS A 9 -1.26 -5.91 -5.46
N SER A 10 0.07 -5.90 -5.48
CA SER A 10 0.83 -4.73 -5.09
C SER A 10 0.61 -3.55 -6.04
N GLY A 11 0.34 -3.88 -7.31
CA GLY A 11 0.08 -2.85 -8.30
C GLY A 11 -1.04 -1.91 -7.89
N GLN A 12 -2.08 -2.45 -7.27
CA GLN A 12 -3.19 -1.62 -6.80
C GLN A 12 -2.98 -1.16 -5.36
N CYS A 13 -1.77 -1.30 -4.85
CA CYS A 13 -1.43 -0.76 -3.54
C CYS A 13 -0.91 0.66 -3.68
N LEU A 14 -0.44 0.98 -4.87
CA LEU A 14 0.22 2.25 -5.12
C LEU A 14 -0.69 3.44 -4.85
N LYS A 15 -1.83 3.45 -5.52
CA LYS A 15 -2.79 4.53 -5.43
C LYS A 15 -3.25 4.78 -3.98
N PRO A 16 -3.80 3.78 -3.27
CA PRO A 16 -4.29 3.99 -1.90
C PRO A 16 -3.14 4.30 -0.92
N CYS A 17 -1.95 3.86 -1.27
CA CYS A 17 -0.76 4.13 -0.48
C CYS A 17 -0.37 5.60 -0.62
N LYS A 18 -0.54 6.14 -1.81
CA LYS A 18 -0.23 7.54 -2.08
C LYS A 18 -1.35 8.43 -1.55
N LYS A 19 -2.55 7.85 -1.49
CA LYS A 19 -3.69 8.50 -0.87
C LYS A 19 -3.48 8.52 0.65
N ALA A 20 -2.76 7.53 1.14
CA ALA A 20 -2.42 7.45 2.56
C ALA A 20 -1.35 8.48 2.90
N GLY A 21 -0.28 8.47 2.13
CA GLY A 21 0.78 9.45 2.34
C GLY A 21 2.17 8.87 2.16
N MET A 22 2.25 7.64 1.64
CA MET A 22 3.54 7.01 1.41
C MET A 22 3.84 6.96 -0.08
N ARG A 23 4.93 6.30 -0.46
CA ARG A 23 5.36 6.29 -1.85
C ARG A 23 4.94 5.00 -2.54
N PHE A 24 5.66 3.93 -2.25
CA PHE A 24 5.44 2.65 -2.92
C PHE A 24 4.65 1.73 -2.02
N GLY A 25 4.01 0.75 -2.62
CA GLY A 25 3.14 -0.14 -1.87
C GLY A 25 3.26 -1.58 -2.33
N LYS A 26 3.21 -2.50 -1.38
CA LYS A 26 3.28 -3.92 -1.66
C LYS A 26 2.10 -4.62 -1.01
N CYS A 27 1.70 -5.74 -1.59
CA CYS A 27 0.58 -6.50 -1.05
C CYS A 27 1.13 -7.64 -0.20
N ILE A 28 0.80 -7.62 1.07
CA ILE A 28 1.38 -8.55 2.02
C ILE A 28 0.29 -9.45 2.63
N ASN A 29 0.11 -9.41 3.95
CA ASN A 29 -0.84 -10.30 4.62
C ASN A 29 -2.20 -9.66 4.71
N GLY A 30 -2.64 -9.09 3.61
CA GLY A 30 -3.90 -8.38 3.58
C GLY A 30 -3.71 -6.89 3.73
N LYS A 31 -2.46 -6.47 3.83
CA LYS A 31 -2.15 -5.06 3.97
C LYS A 31 -1.35 -4.59 2.78
N CYS A 32 -1.60 -3.37 2.36
CA CYS A 32 -0.73 -2.71 1.42
C CYS A 32 0.40 -2.02 2.20
N ASP A 33 1.45 -2.79 2.46
CA ASP A 33 2.58 -2.29 3.23
C ASP A 33 3.45 -1.40 2.35
N CYS A 34 3.87 -0.27 2.88
CA CYS A 34 4.48 0.77 2.09
C CYS A 34 5.83 1.20 2.64
N THR A 35 6.56 1.95 1.84
CA THR A 35 7.71 2.68 2.30
C THR A 35 7.45 4.17 2.05
N PRO A 36 7.61 5.00 3.09
CA PRO A 36 7.29 6.42 3.00
C PRO A 36 8.38 7.21 2.30
N LYS A 37 8.41 8.52 2.53
CA LYS A 37 9.39 9.37 1.87
C LYS A 37 10.67 9.43 2.69
N VAL A 1 4.74 1.55 9.05
CA VAL A 1 3.82 1.92 7.96
C VAL A 1 3.00 0.73 7.51
N GLY A 2 2.13 0.96 6.54
CA GLY A 2 1.23 -0.08 6.09
C GLY A 2 -0.20 0.29 6.41
N ILE A 3 -1.06 0.24 5.41
CA ILE A 3 -2.41 0.73 5.57
C ILE A 3 -3.40 -0.41 5.72
N ASN A 4 -4.67 -0.06 5.84
CA ASN A 4 -5.73 -1.04 6.12
C ASN A 4 -6.44 -1.42 4.84
N VAL A 5 -5.98 -0.87 3.73
CA VAL A 5 -6.51 -1.20 2.42
C VAL A 5 -6.15 -2.62 2.04
N ASP A 6 -6.97 -3.24 1.21
CA ASP A 6 -6.80 -4.62 0.81
C ASP A 6 -6.30 -4.71 -0.63
N CYS A 7 -5.23 -5.44 -0.83
CA CYS A 7 -4.61 -5.56 -2.14
C CYS A 7 -5.16 -6.73 -2.93
N LYS A 8 -5.35 -6.49 -4.22
CA LYS A 8 -5.52 -7.58 -5.17
C LYS A 8 -4.14 -7.98 -5.68
N HIS A 9 -3.21 -7.03 -5.55
CA HIS A 9 -1.81 -7.22 -5.95
C HIS A 9 -1.00 -6.01 -5.50
N SER A 10 0.32 -6.13 -5.49
CA SER A 10 1.17 -5.06 -4.97
C SER A 10 1.02 -3.75 -5.74
N GLY A 11 0.97 -3.87 -7.07
CA GLY A 11 0.92 -2.70 -7.93
C GLY A 11 -0.25 -1.77 -7.64
N GLN A 12 -1.36 -2.32 -7.17
CA GLN A 12 -2.54 -1.51 -6.90
C GLN A 12 -2.56 -0.97 -5.47
N CYS A 13 -1.48 -1.21 -4.75
CA CYS A 13 -1.33 -0.66 -3.41
C CYS A 13 -0.79 0.75 -3.48
N LEU A 14 -0.14 1.06 -4.60
CA LEU A 14 0.42 2.37 -4.84
C LEU A 14 -0.66 3.44 -4.75
N LYS A 15 -1.76 3.20 -5.44
CA LYS A 15 -2.86 4.15 -5.54
C LYS A 15 -3.36 4.61 -4.16
N PRO A 16 -3.84 3.70 -3.27
CA PRO A 16 -4.35 4.11 -1.97
C PRO A 16 -3.25 4.54 -0.99
N CYS A 17 -2.06 3.99 -1.12
CA CYS A 17 -0.96 4.33 -0.25
C CYS A 17 -0.44 5.73 -0.53
N LYS A 18 -0.57 6.16 -1.78
CA LYS A 18 -0.19 7.51 -2.15
C LYS A 18 -1.19 8.50 -1.60
N LYS A 19 -2.43 8.04 -1.44
CA LYS A 19 -3.47 8.81 -0.78
C LYS A 19 -3.20 8.85 0.72
N ALA A 20 -2.73 7.72 1.24
CA ALA A 20 -2.42 7.59 2.65
C ALA A 20 -1.25 8.49 3.02
N GLY A 21 -0.22 8.50 2.19
CA GLY A 21 0.94 9.33 2.44
C GLY A 21 2.24 8.61 2.23
N MET A 22 2.20 7.50 1.51
CA MET A 22 3.40 6.74 1.23
C MET A 22 3.82 6.89 -0.23
N ARG A 23 4.82 6.14 -0.66
CA ARG A 23 5.34 6.27 -2.01
C ARG A 23 4.96 5.09 -2.88
N PHE A 24 5.36 3.90 -2.46
CA PHE A 24 5.17 2.69 -3.24
C PHE A 24 4.03 1.86 -2.65
N GLY A 25 4.07 0.56 -2.86
CA GLY A 25 3.03 -0.31 -2.33
C GLY A 25 3.32 -1.77 -2.54
N LYS A 26 3.10 -2.57 -1.51
CA LYS A 26 3.33 -4.01 -1.59
C LYS A 26 2.15 -4.75 -0.97
N CYS A 27 1.90 -5.95 -1.46
CA CYS A 27 0.77 -6.74 -0.99
C CYS A 27 1.27 -7.81 -0.04
N ILE A 28 0.93 -7.68 1.23
CA ILE A 28 1.46 -8.58 2.23
C ILE A 28 0.37 -9.58 2.66
N ASN A 29 -0.06 -9.54 3.92
CA ASN A 29 -1.05 -10.50 4.41
C ASN A 29 -2.46 -9.95 4.22
N GLY A 30 -2.69 -9.37 3.05
CA GLY A 30 -3.97 -8.75 2.77
C GLY A 30 -3.93 -7.26 3.03
N LYS A 31 -2.77 -6.76 3.41
CA LYS A 31 -2.60 -5.35 3.69
C LYS A 31 -1.65 -4.73 2.67
N CYS A 32 -1.84 -3.46 2.39
CA CYS A 32 -0.91 -2.72 1.56
C CYS A 32 0.17 -2.07 2.41
N ASP A 33 1.26 -2.80 2.62
CA ASP A 33 2.42 -2.22 3.27
C ASP A 33 3.21 -1.40 2.26
N CYS A 34 3.35 -0.12 2.53
CA CYS A 34 3.96 0.79 1.58
C CYS A 34 4.97 1.69 2.28
N THR A 35 6.09 1.93 1.62
CA THR A 35 7.16 2.70 2.21
C THR A 35 6.91 4.18 1.95
N PRO A 36 7.02 5.01 2.99
CA PRO A 36 6.71 6.43 2.90
C PRO A 36 7.87 7.24 2.33
N LYS A 37 7.83 8.54 2.56
CA LYS A 37 8.84 9.44 2.06
C LYS A 37 10.15 9.23 2.83
N VAL A 1 4.29 2.15 9.38
CA VAL A 1 3.64 2.30 8.06
C VAL A 1 2.84 1.07 7.70
N GLY A 2 2.13 1.14 6.58
CA GLY A 2 1.26 0.06 6.19
C GLY A 2 -0.18 0.39 6.51
N ILE A 3 -0.99 0.56 5.48
CA ILE A 3 -2.34 1.07 5.65
C ILE A 3 -3.33 -0.07 5.82
N ASN A 4 -4.58 0.30 6.04
CA ASN A 4 -5.64 -0.66 6.26
C ASN A 4 -6.47 -0.80 5.00
N VAL A 5 -6.03 -1.67 4.12
CA VAL A 5 -6.65 -1.80 2.80
C VAL A 5 -6.63 -3.26 2.37
N ASP A 6 -7.15 -3.55 1.19
CA ASP A 6 -7.17 -4.90 0.67
C ASP A 6 -6.68 -4.92 -0.76
N CYS A 7 -5.49 -5.41 -0.97
CA CYS A 7 -4.90 -5.48 -2.30
C CYS A 7 -5.21 -6.81 -2.97
N LYS A 8 -5.56 -6.73 -4.24
CA LYS A 8 -5.65 -7.91 -5.07
C LYS A 8 -4.26 -8.21 -5.60
N HIS A 9 -3.39 -7.19 -5.56
CA HIS A 9 -2.01 -7.33 -6.00
C HIS A 9 -1.21 -6.08 -5.63
N SER A 10 0.10 -6.16 -5.73
CA SER A 10 0.98 -5.06 -5.34
C SER A 10 0.80 -3.84 -6.23
N GLY A 11 0.64 -4.06 -7.53
CA GLY A 11 0.57 -2.98 -8.50
C GLY A 11 -0.52 -1.97 -8.20
N GLN A 12 -1.63 -2.42 -7.63
CA GLN A 12 -2.75 -1.51 -7.36
C GLN A 12 -2.64 -0.89 -5.97
N CYS A 13 -1.61 -1.27 -5.25
CA CYS A 13 -1.40 -0.77 -3.89
C CYS A 13 -0.91 0.67 -3.93
N LEU A 14 -0.32 1.02 -5.05
CA LEU A 14 0.22 2.36 -5.27
C LEU A 14 -0.86 3.42 -5.15
N LYS A 15 -2.00 3.12 -5.73
CA LYS A 15 -3.12 4.04 -5.78
C LYS A 15 -3.56 4.53 -4.39
N PRO A 16 -4.02 3.66 -3.47
CA PRO A 16 -4.53 4.09 -2.18
C PRO A 16 -3.45 4.46 -1.16
N CYS A 17 -2.32 3.77 -1.22
CA CYS A 17 -1.30 3.94 -0.19
C CYS A 17 -0.55 5.25 -0.41
N LYS A 18 -0.53 5.73 -1.64
CA LYS A 18 0.13 6.98 -1.94
C LYS A 18 -0.71 8.15 -1.45
N LYS A 19 -2.02 8.00 -1.54
CA LYS A 19 -2.95 9.01 -1.04
C LYS A 19 -2.95 9.01 0.49
N ALA A 20 -2.61 7.87 1.07
CA ALA A 20 -2.47 7.76 2.52
C ALA A 20 -1.32 8.65 3.01
N GLY A 21 -0.16 8.45 2.41
CA GLY A 21 1.00 9.27 2.76
C GLY A 21 2.32 8.61 2.46
N MET A 22 2.29 7.43 1.86
CA MET A 22 3.53 6.73 1.53
C MET A 22 3.83 6.87 0.05
N ARG A 23 4.92 6.26 -0.40
CA ARG A 23 5.33 6.45 -1.79
C ARG A 23 4.92 5.28 -2.66
N PHE A 24 5.34 4.09 -2.27
CA PHE A 24 5.08 2.89 -3.06
C PHE A 24 4.03 2.04 -2.38
N GLY A 25 3.98 0.76 -2.70
CA GLY A 25 3.02 -0.11 -2.08
C GLY A 25 3.19 -1.55 -2.51
N LYS A 26 3.10 -2.46 -1.56
CA LYS A 26 3.20 -3.88 -1.86
C LYS A 26 2.01 -4.62 -1.27
N CYS A 27 1.83 -5.86 -1.68
CA CYS A 27 0.71 -6.66 -1.21
C CYS A 27 1.22 -7.77 -0.31
N ILE A 28 1.11 -7.56 0.99
CA ILE A 28 1.70 -8.45 1.97
C ILE A 28 0.67 -9.48 2.46
N ASN A 29 -0.02 -9.19 3.56
CA ASN A 29 -1.11 -10.05 4.02
C ASN A 29 -2.43 -9.57 3.47
N GLY A 30 -2.40 -9.27 2.20
CA GLY A 30 -3.53 -8.63 1.55
C GLY A 30 -3.63 -7.17 1.95
N LYS A 31 -2.63 -6.70 2.70
CA LYS A 31 -2.60 -5.33 3.18
C LYS A 31 -1.48 -4.57 2.51
N CYS A 32 -1.58 -3.25 2.52
CA CYS A 32 -0.62 -2.40 1.85
C CYS A 32 0.50 -1.93 2.79
N ASP A 33 1.59 -2.68 2.82
CA ASP A 33 2.80 -2.20 3.47
C ASP A 33 3.61 -1.40 2.45
N CYS A 34 3.93 -0.16 2.79
CA CYS A 34 4.54 0.73 1.83
C CYS A 34 5.71 1.48 2.44
N THR A 35 6.60 1.99 1.62
CA THR A 35 7.70 2.79 2.09
C THR A 35 7.32 4.26 1.96
N PRO A 36 7.48 5.02 3.04
CA PRO A 36 7.12 6.43 3.06
C PRO A 36 8.21 7.32 2.48
N LYS A 37 8.16 8.59 2.80
CA LYS A 37 9.13 9.56 2.32
C LYS A 37 10.49 9.36 2.99
N VAL A 1 5.11 1.28 9.06
CA VAL A 1 4.13 1.77 8.07
C VAL A 1 3.24 0.64 7.57
N GLY A 2 2.30 0.98 6.71
CA GLY A 2 1.33 0.00 6.27
C GLY A 2 -0.07 0.44 6.59
N ILE A 3 -0.93 0.47 5.59
CA ILE A 3 -2.27 1.01 5.74
C ILE A 3 -3.31 -0.10 5.83
N ASN A 4 -4.56 0.32 5.94
CA ASN A 4 -5.69 -0.59 5.98
C ASN A 4 -6.41 -0.55 4.64
N VAL A 5 -6.27 -1.61 3.88
CA VAL A 5 -6.78 -1.64 2.52
C VAL A 5 -6.88 -3.08 2.04
N ASP A 6 -7.30 -3.27 0.80
CA ASP A 6 -7.39 -4.60 0.21
C ASP A 6 -6.65 -4.60 -1.12
N CYS A 7 -5.54 -5.28 -1.16
CA CYS A 7 -4.75 -5.33 -2.38
C CYS A 7 -5.15 -6.49 -3.27
N LYS A 8 -5.50 -6.16 -4.50
CA LYS A 8 -5.65 -7.16 -5.53
C LYS A 8 -4.26 -7.59 -5.97
N HIS A 9 -3.31 -6.68 -5.77
CA HIS A 9 -1.89 -6.92 -6.07
C HIS A 9 -1.06 -5.70 -5.67
N SER A 10 0.24 -5.87 -5.56
CA SER A 10 1.10 -4.79 -5.09
C SER A 10 1.09 -3.60 -6.04
N GLY A 11 1.02 -3.88 -7.34
CA GLY A 11 1.01 -2.82 -8.34
C GLY A 11 -0.06 -1.78 -8.11
N GLN A 12 -1.24 -2.22 -7.69
CA GLN A 12 -2.36 -1.29 -7.49
C GLN A 12 -2.37 -0.78 -6.05
N CYS A 13 -1.41 -1.22 -5.25
CA CYS A 13 -1.31 -0.80 -3.85
C CYS A 13 -0.75 0.60 -3.78
N LEU A 14 -0.05 0.98 -4.84
CA LEU A 14 0.53 2.31 -4.97
C LEU A 14 -0.54 3.38 -4.85
N LYS A 15 -1.66 3.15 -5.50
CA LYS A 15 -2.74 4.11 -5.59
C LYS A 15 -3.29 4.53 -4.21
N PRO A 16 -3.85 3.60 -3.40
CA PRO A 16 -4.48 3.98 -2.13
C PRO A 16 -3.47 4.40 -1.07
N CYS A 17 -2.28 3.82 -1.13
CA CYS A 17 -1.27 4.09 -0.13
C CYS A 17 -0.62 5.43 -0.40
N LYS A 18 -0.67 5.87 -1.66
CA LYS A 18 -0.18 7.18 -2.03
C LYS A 18 -1.07 8.25 -1.42
N LYS A 19 -2.37 7.98 -1.41
CA LYS A 19 -3.34 8.87 -0.79
C LYS A 19 -3.14 8.86 0.73
N ALA A 20 -2.65 7.74 1.23
CA ALA A 20 -2.36 7.58 2.65
C ALA A 20 -1.06 8.28 3.02
N GLY A 21 -0.31 8.70 2.02
CA GLY A 21 0.88 9.50 2.26
C GLY A 21 2.15 8.89 1.71
N MET A 22 2.18 7.57 1.59
CA MET A 22 3.40 6.88 1.20
C MET A 22 3.58 6.89 -0.32
N ARG A 23 4.70 6.36 -0.79
CA ARG A 23 5.00 6.40 -2.22
C ARG A 23 4.55 5.11 -2.92
N PHE A 24 5.12 4.00 -2.51
CA PHE A 24 4.84 2.72 -3.14
C PHE A 24 4.31 1.74 -2.11
N GLY A 25 3.61 0.71 -2.59
CA GLY A 25 3.00 -0.25 -1.70
C GLY A 25 3.25 -1.68 -2.13
N LYS A 26 3.16 -2.61 -1.20
CA LYS A 26 3.30 -4.02 -1.48
C LYS A 26 2.07 -4.75 -0.93
N CYS A 27 1.78 -5.93 -1.47
CA CYS A 27 0.64 -6.69 -1.01
C CYS A 27 1.11 -7.85 -0.14
N ILE A 28 1.05 -7.65 1.16
CA ILE A 28 1.56 -8.63 2.11
C ILE A 28 0.42 -9.60 2.50
N ASN A 29 -0.07 -9.54 3.73
CA ASN A 29 -1.15 -10.41 4.16
C ASN A 29 -2.50 -9.73 3.94
N GLY A 30 -2.68 -9.18 2.76
CA GLY A 30 -3.86 -8.38 2.48
C GLY A 30 -3.69 -6.99 3.07
N LYS A 31 -2.46 -6.63 3.32
CA LYS A 31 -2.11 -5.35 3.89
C LYS A 31 -1.20 -4.59 2.94
N CYS A 32 -1.43 -3.31 2.79
CA CYS A 32 -0.54 -2.47 2.02
C CYS A 32 0.58 -1.94 2.90
N ASP A 33 1.62 -2.74 3.09
CA ASP A 33 2.85 -2.27 3.70
C ASP A 33 3.64 -1.52 2.64
N CYS A 34 3.98 -0.28 2.93
CA CYS A 34 4.49 0.62 1.91
C CYS A 34 5.84 1.19 2.27
N THR A 35 6.39 1.98 1.37
CA THR A 35 7.58 2.76 1.65
C THR A 35 7.28 4.22 1.35
N PRO A 36 7.50 5.09 2.33
CA PRO A 36 7.19 6.52 2.20
C PRO A 36 8.29 7.27 1.47
N LYS A 37 8.32 8.59 1.66
CA LYS A 37 9.37 9.41 1.06
C LYS A 37 10.71 9.17 1.76
N VAL A 1 4.50 1.79 9.37
CA VAL A 1 4.02 2.08 8.00
C VAL A 1 3.10 0.97 7.50
N GLY A 2 2.53 1.15 6.31
CA GLY A 2 1.58 0.20 5.81
C GLY A 2 0.18 0.69 6.07
N ILE A 3 -0.71 0.52 5.12
CA ILE A 3 -2.01 1.15 5.19
C ILE A 3 -3.11 0.13 5.44
N ASN A 4 -4.32 0.65 5.59
CA ASN A 4 -5.50 -0.18 5.80
C ASN A 4 -6.25 -0.31 4.48
N VAL A 5 -6.06 -1.43 3.82
CA VAL A 5 -6.61 -1.64 2.51
C VAL A 5 -6.58 -3.13 2.18
N ASP A 6 -7.08 -3.49 1.00
CA ASP A 6 -7.06 -4.88 0.56
C ASP A 6 -6.43 -4.96 -0.81
N CYS A 7 -5.28 -5.59 -0.89
CA CYS A 7 -4.57 -5.67 -2.16
C CYS A 7 -4.98 -6.89 -2.95
N LYS A 8 -5.31 -6.66 -4.19
CA LYS A 8 -5.49 -7.73 -5.15
C LYS A 8 -4.13 -8.04 -5.76
N HIS A 9 -3.20 -7.10 -5.55
CA HIS A 9 -1.81 -7.22 -6.03
C HIS A 9 -1.04 -5.97 -5.66
N SER A 10 0.28 -6.04 -5.59
CA SER A 10 1.09 -4.91 -5.15
C SER A 10 0.88 -3.68 -6.04
N GLY A 11 0.66 -3.92 -7.33
CA GLY A 11 0.49 -2.84 -8.28
C GLY A 11 -0.67 -1.92 -7.95
N GLN A 12 -1.74 -2.46 -7.36
CA GLN A 12 -2.92 -1.64 -7.07
C GLN A 12 -2.84 -1.02 -5.67
N CYS A 13 -1.69 -1.18 -5.03
CA CYS A 13 -1.47 -0.57 -3.72
C CYS A 13 -1.08 0.89 -3.89
N LEU A 14 -0.68 1.25 -5.11
CA LEU A 14 -0.11 2.55 -5.38
C LEU A 14 -1.07 3.69 -5.06
N LYS A 15 -2.24 3.66 -5.66
CA LYS A 15 -3.23 4.71 -5.49
C LYS A 15 -3.61 4.94 -4.02
N PRO A 16 -4.04 3.89 -3.27
CA PRO A 16 -4.41 4.07 -1.86
C PRO A 16 -3.22 4.41 -0.97
N CYS A 17 -2.03 3.97 -1.38
CA CYS A 17 -0.82 4.23 -0.62
C CYS A 17 -0.42 5.69 -0.77
N LYS A 18 -0.68 6.25 -1.95
CA LYS A 18 -0.36 7.64 -2.22
C LYS A 18 -1.33 8.54 -1.47
N LYS A 19 -2.59 8.13 -1.44
CA LYS A 19 -3.61 8.86 -0.69
C LYS A 19 -3.35 8.72 0.80
N ALA A 20 -2.74 7.61 1.19
CA ALA A 20 -2.35 7.39 2.57
C ALA A 20 -1.23 8.35 2.94
N GLY A 21 -0.26 8.50 2.04
CA GLY A 21 0.81 9.45 2.25
C GLY A 21 2.18 8.81 2.14
N MET A 22 2.24 7.61 1.57
CA MET A 22 3.50 6.89 1.45
C MET A 22 3.86 6.69 -0.01
N ARG A 23 4.98 6.04 -0.29
CA ARG A 23 5.49 5.99 -1.64
C ARG A 23 5.00 4.77 -2.40
N PHE A 24 5.62 3.63 -2.15
CA PHE A 24 5.31 2.40 -2.88
C PHE A 24 4.54 1.46 -1.97
N GLY A 25 3.83 0.53 -2.59
CA GLY A 25 2.99 -0.37 -1.82
C GLY A 25 3.18 -1.82 -2.23
N LYS A 26 3.25 -2.69 -1.24
CA LYS A 26 3.42 -4.11 -1.47
C LYS A 26 2.21 -4.87 -0.94
N CYS A 27 1.95 -6.03 -1.50
CA CYS A 27 0.77 -6.79 -1.11
C CYS A 27 1.13 -7.83 -0.08
N ILE A 28 0.72 -7.60 1.15
CA ILE A 28 0.97 -8.50 2.25
C ILE A 28 -0.26 -9.41 2.37
N ASN A 29 -0.36 -10.20 3.45
CA ASN A 29 -1.44 -11.19 3.59
C ASN A 29 -2.78 -10.66 3.10
N GLY A 30 -3.09 -9.41 3.43
CA GLY A 30 -4.27 -8.78 2.88
C GLY A 30 -4.13 -7.28 2.81
N LYS A 31 -2.97 -6.77 3.19
CA LYS A 31 -2.82 -5.33 3.37
C LYS A 31 -1.70 -4.77 2.50
N CYS A 32 -1.84 -3.50 2.14
CA CYS A 32 -0.81 -2.81 1.37
C CYS A 32 0.17 -2.10 2.29
N ASP A 33 1.25 -2.80 2.61
CA ASP A 33 2.33 -2.22 3.40
C ASP A 33 3.22 -1.38 2.50
N CYS A 34 3.57 -0.20 2.98
CA CYS A 34 4.23 0.79 2.14
C CYS A 34 5.56 1.24 2.72
N THR A 35 6.42 1.75 1.85
CA THR A 35 7.63 2.40 2.28
C THR A 35 7.42 3.91 2.15
N PRO A 36 7.70 4.66 3.22
CA PRO A 36 7.45 6.09 3.24
C PRO A 36 8.58 6.88 2.60
N LYS A 37 8.61 8.17 2.88
CA LYS A 37 9.63 9.05 2.34
C LYS A 37 10.97 8.78 3.03
N VAL A 1 4.58 1.86 9.16
CA VAL A 1 3.63 2.13 8.06
C VAL A 1 2.88 0.85 7.69
N GLY A 2 2.03 0.96 6.68
CA GLY A 2 1.20 -0.16 6.29
C GLY A 2 -0.24 0.10 6.60
N ILE A 3 -1.02 0.37 5.57
CA ILE A 3 -2.39 0.84 5.74
C ILE A 3 -3.37 -0.32 5.81
N ASN A 4 -4.64 0.04 6.00
CA ASN A 4 -5.72 -0.93 6.05
C ASN A 4 -6.47 -0.87 4.74
N VAL A 5 -6.26 -1.88 3.90
CA VAL A 5 -6.81 -1.86 2.57
C VAL A 5 -6.89 -3.30 2.05
N ASP A 6 -7.29 -3.46 0.80
CA ASP A 6 -7.37 -4.78 0.19
C ASP A 6 -6.73 -4.75 -1.18
N CYS A 7 -5.56 -5.34 -1.27
CA CYS A 7 -4.83 -5.42 -2.52
C CYS A 7 -5.13 -6.71 -3.26
N LYS A 8 -5.56 -6.57 -4.50
CA LYS A 8 -5.63 -7.73 -5.37
C LYS A 8 -4.21 -8.09 -5.81
N HIS A 9 -3.33 -7.09 -5.71
CA HIS A 9 -1.94 -7.22 -6.15
C HIS A 9 -1.16 -5.98 -5.71
N SER A 10 0.17 -6.07 -5.73
CA SER A 10 1.02 -4.97 -5.25
C SER A 10 0.92 -3.75 -6.17
N GLY A 11 0.72 -4.00 -7.46
CA GLY A 11 0.65 -2.92 -8.43
C GLY A 11 -0.42 -1.89 -8.10
N GLN A 12 -1.54 -2.33 -7.52
CA GLN A 12 -2.64 -1.43 -7.22
C GLN A 12 -2.49 -0.86 -5.81
N CYS A 13 -1.45 -1.28 -5.12
CA CYS A 13 -1.25 -0.92 -3.72
C CYS A 13 -0.67 0.48 -3.61
N LEU A 14 -0.14 0.96 -4.72
CA LEU A 14 0.45 2.29 -4.79
C LEU A 14 -0.60 3.37 -4.56
N LYS A 15 -1.71 3.24 -5.29
CA LYS A 15 -2.77 4.25 -5.28
C LYS A 15 -3.28 4.58 -3.86
N PRO A 16 -3.77 3.59 -3.07
CA PRO A 16 -4.34 3.86 -1.75
C PRO A 16 -3.28 4.34 -0.75
N CYS A 17 -2.05 3.89 -0.94
CA CYS A 17 -0.98 4.27 -0.07
C CYS A 17 -0.48 5.66 -0.42
N LYS A 18 -0.62 6.03 -1.68
CA LYS A 18 -0.22 7.34 -2.15
C LYS A 18 -1.12 8.39 -1.53
N LYS A 19 -2.40 8.06 -1.41
CA LYS A 19 -3.36 8.93 -0.74
C LYS A 19 -3.05 8.97 0.75
N ALA A 20 -2.59 7.84 1.28
CA ALA A 20 -2.26 7.72 2.70
C ALA A 20 -0.95 8.44 3.03
N GLY A 21 -0.20 8.81 1.99
CA GLY A 21 1.01 9.59 2.19
C GLY A 21 2.27 8.80 1.95
N MET A 22 2.16 7.64 1.33
CA MET A 22 3.32 6.82 1.05
C MET A 22 3.68 6.92 -0.43
N ARG A 23 4.74 6.21 -0.82
CA ARG A 23 5.23 6.30 -2.20
C ARG A 23 4.88 5.07 -3.00
N PHE A 24 5.31 3.92 -2.51
CA PHE A 24 5.14 2.67 -3.24
C PHE A 24 4.04 1.84 -2.61
N GLY A 25 4.03 0.54 -2.85
CA GLY A 25 3.04 -0.32 -2.26
C GLY A 25 3.33 -1.78 -2.46
N LYS A 26 3.22 -2.56 -1.40
CA LYS A 26 3.39 -4.00 -1.47
C LYS A 26 2.19 -4.67 -0.82
N CYS A 27 1.83 -5.83 -1.34
CA CYS A 27 0.63 -6.51 -0.89
C CYS A 27 0.98 -7.56 0.16
N ILE A 28 0.55 -7.32 1.38
CA ILE A 28 0.77 -8.25 2.45
C ILE A 28 -0.56 -8.95 2.73
N ASN A 29 -0.57 -10.01 3.55
CA ASN A 29 -1.76 -10.85 3.74
C ASN A 29 -3.03 -10.05 3.93
N GLY A 30 -2.95 -8.90 4.58
CA GLY A 30 -4.11 -8.05 4.68
C GLY A 30 -3.80 -6.56 4.61
N LYS A 31 -2.52 -6.19 4.51
CA LYS A 31 -2.17 -4.79 4.60
C LYS A 31 -1.40 -4.32 3.39
N CYS A 32 -1.49 -3.03 3.11
CA CYS A 32 -0.65 -2.42 2.11
C CYS A 32 0.59 -1.86 2.79
N ASP A 33 1.64 -2.67 2.84
CA ASP A 33 2.92 -2.23 3.37
C ASP A 33 3.63 -1.39 2.33
N CYS A 34 3.61 -0.09 2.54
CA CYS A 34 4.15 0.84 1.57
C CYS A 34 5.18 1.74 2.23
N THR A 35 6.24 2.06 1.50
CA THR A 35 7.29 2.89 2.07
C THR A 35 6.96 4.36 1.82
N PRO A 36 7.02 5.17 2.88
CA PRO A 36 6.67 6.59 2.80
C PRO A 36 7.81 7.43 2.24
N LYS A 37 7.77 8.73 2.53
CA LYS A 37 8.78 9.66 2.02
C LYS A 37 10.15 9.33 2.58
#